data_6CR2
#
_entry.id   6CR2
#
_cell.length_a   108.438
_cell.length_b   108.438
_cell.length_c   90.999
_cell.angle_alpha   90.00
_cell.angle_beta   90.00
_cell.angle_gamma   120.00
#
_symmetry.space_group_name_H-M   'P 31'
#
loop_
_entity.id
_entity.type
_entity.pdbx_description
1 polymer '14-alpha sterol demethylase Cyp51B'
2 non-polymer 'PROTOPORPHYRIN IX CONTAINING FE'
3 non-polymer N-[(1R)-1-(2,4-dichlorophenyl)-2-(1H-imidazol-1-yl)ethyl]-4-{5-[2-fluoro-4-(2,2,2-trifluoroethoxy)phenyl]-1,3,4-oxadiazol-2-yl}benzamide
4 water water
#
_entity_poly.entity_id   1
_entity_poly.type   'polypeptide(L)'
_entity_poly.pdbx_seq_one_letter_code
;MAKKTPPVVFHWFPFIGSTISYGIDPYKFFFDCRAKYGDIFTFILLGKKTTVYLGTKGNDFILNGKLRDVCAEEVYSPLT
TPVFGRHVVYDCPNAKLMEQKKFVKYGLTSDALRSYVPLITDEVESFVKNSPAFQGHKGVFDVCKTIAEITIYTASRSLQ
GKEVRSKFDSTFAELYHNLDMGFAPINFMLPWAPLPHNRKRDAAQRKLTETYMEIIKARRQAGSKKDSEDMVWNLMSCVY
KNGTPVPDEEIAHMMIALLMAGQHSSSSTASWIVLRLATRPDIMEELYQEQIRVLGSDLPPLTYDNLQKLDLHAKVIKET
LRLHAPIHSIIRAVKNPMAVDGTSYVIPTSHNVLSSPGVTARSEEHFPNPLEWNPHRWDENIAASAEDDEKVDYGYGLVS
KGTNSPYLPFGAGRHRCIGEQFAYLQLGTITAVLVRLFRFRNLPGVDGIPDTDYSSLFSKPLGRSFVEFEKRHHHHH
;
_entity_poly.pdbx_strand_id   A,B
#
loop_
_chem_comp.id
_chem_comp.type
_chem_comp.name
_chem_comp.formula
HEM non-polymer 'PROTOPORPHYRIN IX CONTAINING FE' 'C34 H32 Fe N4 O4'
LFV non-polymer N-[(1R)-1-(2,4-dichlorophenyl)-2-(1H-imidazol-1-yl)ethyl]-4-{5-[2-fluoro-4-(2,2,2-trifluoroethoxy)phenyl]-1,3,4-oxadiazol-2-yl}benzamide 'C28 H19 Cl2 F4 N5 O3'
#
# COMPACT_ATOMS: atom_id res chain seq x y z
N THR A 5 -26.83 -8.06 29.44
CA THR A 5 -25.54 -7.93 28.70
C THR A 5 -25.82 -7.69 27.22
N PRO A 6 -25.06 -6.78 26.60
CA PRO A 6 -25.24 -6.45 25.18
C PRO A 6 -24.79 -7.58 24.28
N PRO A 7 -25.30 -7.62 23.03
CA PRO A 7 -25.01 -8.68 22.09
C PRO A 7 -23.53 -8.73 21.70
N VAL A 8 -22.87 -9.83 22.03
CA VAL A 8 -21.48 -10.03 21.69
C VAL A 8 -21.30 -10.34 20.21
N VAL A 9 -20.39 -9.62 19.57
CA VAL A 9 -20.21 -9.73 18.13
C VAL A 9 -19.50 -11.03 17.75
N PHE A 10 -20.00 -11.68 16.69
CA PHE A 10 -19.47 -12.98 16.31
C PHE A 10 -18.02 -12.89 15.86
N HIS A 11 -17.17 -13.71 16.48
CA HIS A 11 -15.78 -13.82 16.06
C HIS A 11 -15.39 -15.30 15.93
N TRP A 12 -14.16 -15.53 15.49
CA TRP A 12 -13.70 -16.89 15.18
C TRP A 12 -12.71 -17.46 16.19
N PHE A 13 -11.92 -16.58 16.79
CA PHE A 13 -10.80 -17.04 17.61
C PHE A 13 -10.76 -16.27 18.92
N PRO A 14 -10.17 -16.87 19.97
CA PRO A 14 -10.16 -16.24 21.28
C PRO A 14 -8.98 -15.29 21.40
N PHE A 15 -9.25 -14.12 21.97
CA PHE A 15 -8.26 -13.09 22.23
C PHE A 15 -7.72 -12.37 20.99
N ILE A 16 -8.23 -12.74 19.82
CA ILE A 16 -8.00 -11.95 18.62
C ILE A 16 -9.30 -11.19 18.36
N GLY A 17 -10.38 -11.90 18.66
CA GLY A 17 -11.74 -11.40 18.52
C GLY A 17 -11.93 -10.70 17.19
N SER A 18 -12.54 -9.52 17.24
CA SER A 18 -12.79 -8.73 16.05
C SER A 18 -11.71 -7.67 15.85
N THR A 19 -10.52 -7.93 16.39
CA THR A 19 -9.43 -6.97 16.36
C THR A 19 -9.04 -6.61 14.93
N ILE A 20 -8.84 -7.64 14.11
CA ILE A 20 -8.42 -7.47 12.72
C ILE A 20 -9.45 -6.67 11.93
N SER A 21 -10.71 -7.04 12.03
CA SER A 21 -11.79 -6.32 11.36
C SER A 21 -11.83 -4.86 11.80
N TYR A 22 -11.69 -4.64 13.10
CA TYR A 22 -11.75 -3.31 13.67
C TYR A 22 -10.55 -2.49 13.21
N GLY A 23 -9.37 -3.10 13.27
CA GLY A 23 -8.12 -2.43 12.92
C GLY A 23 -7.98 -2.10 11.44
N ILE A 24 -8.50 -2.96 10.58
CA ILE A 24 -8.44 -2.72 9.14
C ILE A 24 -9.31 -1.53 8.76
N ASP A 25 -10.51 -1.50 9.34
CA ASP A 25 -11.51 -0.48 9.02
C ASP A 25 -12.58 -0.46 10.10
N PRO A 26 -12.42 0.44 11.09
CA PRO A 26 -13.40 0.60 12.16
C PRO A 26 -14.81 0.89 11.65
N TYR A 27 -14.92 1.80 10.70
CA TYR A 27 -16.22 2.29 10.26
C TYR A 27 -17.02 1.22 9.54
N LYS A 28 -16.40 0.52 8.59
CA LYS A 28 -17.06 -0.60 7.94
C LYS A 28 -17.41 -1.69 8.95
N PHE A 29 -16.54 -1.86 9.94
CA PHE A 29 -16.78 -2.84 10.99
C PHE A 29 -17.98 -2.45 11.85
N PHE A 30 -18.10 -1.17 12.17
CA PHE A 30 -19.20 -0.69 13.00
C PHE A 30 -20.55 -0.69 12.27
N PHE A 31 -20.54 -0.46 10.96
CA PHE A 31 -21.78 -0.40 10.20
C PHE A 31 -22.33 -1.80 9.93
N ASP A 32 -21.46 -2.74 9.58
CA ASP A 32 -21.82 -4.14 9.50
C ASP A 32 -22.33 -4.72 10.82
N CYS A 33 -21.59 -4.48 11.89
CA CYS A 33 -22.03 -4.92 13.21
C CYS A 33 -23.37 -4.28 13.55
N ARG A 34 -23.53 -3.02 13.13
CA ARG A 34 -24.77 -2.29 13.33
C ARG A 34 -25.97 -2.96 12.66
N ALA A 35 -25.79 -3.40 11.40
CA ALA A 35 -26.89 -3.96 10.64
C ALA A 35 -27.33 -5.30 11.18
N LYS A 36 -26.42 -5.96 11.88
CA LYS A 36 -26.66 -7.32 12.39
C LYS A 36 -27.02 -7.34 13.86
N TYR A 37 -26.59 -6.33 14.62
CA TYR A 37 -26.87 -6.32 16.06
C TYR A 37 -27.48 -5.04 16.63
N GLY A 38 -27.88 -4.10 15.80
CA GLY A 38 -28.40 -2.82 16.31
C GLY A 38 -27.32 -1.85 16.77
N ASP A 39 -27.67 -0.95 17.68
CA ASP A 39 -26.79 0.16 18.03
C ASP A 39 -25.88 -0.09 19.24
N ILE A 40 -25.90 -1.31 19.78
CA ILE A 40 -25.02 -1.65 20.89
C ILE A 40 -24.42 -3.05 20.76
N PHE A 41 -23.13 -3.20 20.92
CA PHE A 41 -22.57 -4.52 20.89
C PHE A 41 -21.29 -4.61 21.64
N THR A 42 -20.81 -5.81 21.85
CA THR A 42 -19.53 -6.06 22.52
C THR A 42 -18.62 -6.86 21.59
N PHE A 43 -17.47 -6.27 21.24
CA PHE A 43 -16.45 -7.01 20.50
C PHE A 43 -15.17 -7.13 21.31
N ILE A 44 -14.47 -8.24 21.07
CA ILE A 44 -13.24 -8.56 21.79
C ILE A 44 -12.05 -7.86 21.14
N LEU A 45 -11.58 -6.81 21.80
CA LEU A 45 -10.44 -6.02 21.33
C LEU A 45 -9.20 -6.34 22.16
N LEU A 46 -8.31 -7.11 21.55
CA LEU A 46 -7.05 -7.52 22.17
C LEU A 46 -7.24 -8.07 23.57
N GLY A 47 -8.28 -8.88 23.76
CA GLY A 47 -8.54 -9.52 25.05
C GLY A 47 -9.57 -8.84 25.93
N LYS A 48 -9.94 -7.62 25.59
CA LYS A 48 -10.88 -6.84 26.39
C LYS A 48 -12.25 -6.82 25.71
N LYS A 49 -13.28 -7.11 26.50
CA LYS A 49 -14.65 -6.92 26.03
C LYS A 49 -14.91 -5.42 25.90
N THR A 50 -15.33 -5.01 24.70
CA THR A 50 -15.45 -3.60 24.39
C THR A 50 -16.85 -3.31 23.85
N THR A 51 -17.66 -2.68 24.69
CA THR A 51 -19.02 -2.36 24.33
C THR A 51 -19.09 -1.05 23.55
N VAL A 52 -19.62 -1.16 22.34
CA VAL A 52 -19.78 -0.03 21.43
C VAL A 52 -21.24 0.42 21.52
N TYR A 53 -21.44 1.69 21.85
CA TYR A 53 -22.77 2.27 21.79
C TYR A 53 -22.83 3.35 20.72
N LEU A 54 -23.54 3.05 19.64
CA LEU A 54 -23.56 3.89 18.46
C LEU A 54 -24.75 4.86 18.49
N GLY A 55 -24.74 5.78 17.53
CA GLY A 55 -25.74 6.83 17.44
C GLY A 55 -25.54 7.91 18.48
N THR A 56 -26.22 9.05 18.27
CA THR A 56 -26.19 10.18 19.20
C THR A 56 -26.40 9.81 20.66
N LYS A 57 -27.20 8.79 20.93
CA LYS A 57 -27.47 8.39 22.31
C LYS A 57 -26.27 7.67 22.90
N GLY A 58 -25.63 6.86 22.06
CA GLY A 58 -24.37 6.23 22.41
C GLY A 58 -23.28 7.22 22.77
N ASN A 59 -23.13 8.24 21.93
CA ASN A 59 -22.11 9.27 22.16
C ASN A 59 -22.40 9.98 23.48
N ASP A 60 -23.69 10.16 23.75
CA ASP A 60 -24.14 10.84 24.95
C ASP A 60 -23.90 9.94 26.16
N PHE A 61 -24.17 8.68 26.01
CA PHE A 61 -24.00 7.76 27.07
C PHE A 61 -22.57 7.66 27.55
N ILE A 62 -21.64 7.70 26.63
CA ILE A 62 -20.23 7.47 26.94
C ILE A 62 -19.50 8.77 27.22
N LEU A 63 -19.76 9.79 26.41
CA LEU A 63 -19.01 11.04 26.49
C LEU A 63 -19.54 11.96 27.59
N ASN A 64 -20.81 11.81 27.93
CA ASN A 64 -21.39 12.53 29.05
C ASN A 64 -21.57 11.64 30.27
N GLY A 65 -20.94 10.47 30.25
CA GLY A 65 -20.89 9.58 31.40
C GLY A 65 -20.37 10.27 32.65
N LYS A 66 -20.90 9.86 33.81
CA LYS A 66 -20.46 10.40 35.08
C LYS A 66 -19.07 9.88 35.43
N LEU A 67 -18.29 10.71 36.11
CA LEU A 67 -16.95 10.36 36.57
C LEU A 67 -16.94 9.10 37.44
N ARG A 68 -18.07 8.82 38.09
CA ARG A 68 -18.30 7.58 38.82
C ARG A 68 -18.24 6.34 37.93
N ASP A 69 -18.82 6.44 36.75
CA ASP A 69 -19.07 5.27 35.91
C ASP A 69 -17.98 5.03 34.86
N VAL A 70 -17.37 6.10 34.38
CA VAL A 70 -16.46 6.00 33.24
C VAL A 70 -15.12 6.69 33.48
N CYS A 71 -14.05 5.93 33.29
CA CYS A 71 -12.69 6.41 33.49
C CYS A 71 -11.92 6.40 32.17
N ALA A 72 -11.32 7.54 31.84
CA ALA A 72 -10.50 7.64 30.63
C ALA A 72 -9.05 7.31 30.94
N GLU A 73 -8.51 8.03 31.92
CA GLU A 73 -7.08 8.01 32.20
C GLU A 73 -6.56 6.61 32.49
N GLU A 74 -7.45 5.74 32.97
CA GLU A 74 -7.05 4.37 33.29
C GLU A 74 -6.71 3.59 32.03
N VAL A 75 -7.45 3.88 30.96
CA VAL A 75 -7.29 3.18 29.69
C VAL A 75 -6.06 3.73 28.97
N TYR A 76 -5.82 5.03 29.11
CA TYR A 76 -4.80 5.72 28.33
C TYR A 76 -3.43 5.74 29.00
N SER A 77 -3.41 5.88 30.32
CA SER A 77 -2.20 6.27 31.02
C SER A 77 -1.00 5.39 30.71
N PRO A 78 -1.21 4.06 30.61
CA PRO A 78 -0.07 3.21 30.29
C PRO A 78 0.67 3.65 29.04
N LEU A 79 -0.07 4.00 28.00
CA LEU A 79 0.53 4.46 26.74
C LEU A 79 1.06 5.89 26.81
N THR A 80 0.26 6.82 27.30
CA THR A 80 0.55 8.24 27.13
C THR A 80 1.54 8.76 28.16
N THR A 81 1.61 8.12 29.31
CA THR A 81 2.38 8.67 30.43
C THR A 81 3.88 8.62 30.13
N PRO A 82 4.37 7.51 29.57
CA PRO A 82 5.76 7.47 29.13
C PRO A 82 6.10 8.49 28.04
N VAL A 83 5.10 8.90 27.27
CA VAL A 83 5.30 9.83 26.17
C VAL A 83 5.26 11.29 26.59
N PHE A 84 4.18 11.70 27.24
CA PHE A 84 4.00 13.09 27.65
C PHE A 84 4.88 13.40 28.86
N GLY A 85 5.01 12.42 29.75
CA GLY A 85 5.67 12.62 31.04
C GLY A 85 4.74 12.52 32.24
N ARG A 86 5.33 12.65 33.42
CA ARG A 86 4.62 12.48 34.69
C ARG A 86 3.86 13.73 35.13
N HIS A 87 2.76 13.50 35.82
CA HIS A 87 1.97 14.51 36.53
C HIS A 87 1.14 15.42 35.64
N VAL A 88 0.95 15.04 34.39
CA VAL A 88 0.11 15.81 33.48
C VAL A 88 -0.86 14.91 32.73
N VAL A 89 -1.89 15.55 32.17
CA VAL A 89 -2.85 14.81 31.36
C VAL A 89 -3.45 13.65 32.14
N TYR A 90 -3.17 12.45 31.64
CA TYR A 90 -3.77 11.23 32.15
C TYR A 90 -2.98 10.54 33.25
N ASP A 91 -1.96 11.20 33.80
CA ASP A 91 -1.19 10.59 34.88
C ASP A 91 -1.56 11.23 36.22
N CYS A 92 -2.79 11.73 36.32
CA CYS A 92 -3.29 12.42 37.49
C CYS A 92 -4.80 12.17 37.58
N PRO A 93 -5.44 12.58 38.69
CA PRO A 93 -6.89 12.49 38.67
C PRO A 93 -7.54 13.54 37.76
N ASN A 94 -8.75 13.25 37.33
CA ASN A 94 -9.49 14.10 36.41
C ASN A 94 -9.46 15.58 36.81
N ALA A 95 -9.64 15.85 38.10
CA ALA A 95 -9.73 17.23 38.57
C ALA A 95 -8.50 18.02 38.14
N LYS A 96 -7.34 17.38 38.16
CA LYS A 96 -6.09 18.03 37.79
C LYS A 96 -5.99 18.27 36.29
N LEU A 97 -6.46 17.29 35.51
CA LEU A 97 -6.60 17.43 34.07
C LEU A 97 -7.45 18.66 33.74
N MET A 98 -8.58 18.80 34.42
CA MET A 98 -9.51 19.89 34.18
C MET A 98 -8.84 21.25 34.36
N GLU A 99 -7.98 21.36 35.38
CA GLU A 99 -7.23 22.59 35.61
C GLU A 99 -6.15 22.84 34.55
N GLN A 100 -5.41 21.79 34.23
CA GLN A 100 -4.41 21.88 33.17
C GLN A 100 -5.02 22.30 31.84
N LYS A 101 -6.20 21.76 31.54
CA LYS A 101 -6.97 22.19 30.37
C LYS A 101 -7.35 23.66 30.44
N LYS A 102 -7.79 24.08 31.62
CA LYS A 102 -8.06 25.49 31.88
C LYS A 102 -6.81 26.33 31.62
N PHE A 103 -5.65 25.85 32.08
CA PHE A 103 -4.41 26.59 31.88
C PHE A 103 -4.10 26.78 30.40
N VAL A 104 -4.28 25.74 29.61
CA VAL A 104 -3.99 25.81 28.17
C VAL A 104 -5.02 26.69 27.48
N LYS A 105 -6.28 26.51 27.85
CA LYS A 105 -7.36 27.34 27.33
C LYS A 105 -7.08 28.82 27.60
N TYR A 106 -6.55 29.11 28.78
CA TYR A 106 -6.10 30.46 29.10
C TYR A 106 -5.14 30.96 28.02
N GLY A 107 -4.23 30.07 27.62
CA GLY A 107 -3.17 30.43 26.69
C GLY A 107 -3.64 30.61 25.27
N LEU A 108 -4.86 30.23 25.00
CA LEU A 108 -5.40 30.27 23.67
C LEU A 108 -6.46 31.29 23.37
N THR A 109 -6.35 32.44 23.98
CA THR A 109 -7.24 33.55 23.77
C THR A 109 -7.14 34.22 22.41
N SER A 110 -8.09 35.07 22.10
CA SER A 110 -8.11 35.73 20.80
C SER A 110 -6.80 36.48 20.59
N ASP A 111 -6.30 37.12 21.64
CA ASP A 111 -5.04 37.86 21.53
C ASP A 111 -3.89 36.93 21.15
N ALA A 112 -3.94 35.71 21.66
CA ALA A 112 -2.95 34.70 21.34
C ALA A 112 -3.09 34.27 19.88
N LEU A 113 -4.29 33.87 19.50
CA LEU A 113 -4.58 33.41 18.15
C LEU A 113 -4.30 34.50 17.11
N ARG A 114 -4.64 35.74 17.44
CA ARG A 114 -4.27 36.91 16.64
C ARG A 114 -2.79 36.93 16.28
N SER A 115 -1.94 36.73 17.28
CA SER A 115 -0.50 36.88 17.10
C SER A 115 0.09 35.74 16.30
N TYR A 116 -0.62 34.61 16.29
CA TYR A 116 -0.13 33.39 15.66
C TYR A 116 -0.24 33.44 14.14
N VAL A 117 -1.19 34.21 13.62
CA VAL A 117 -1.49 34.15 12.20
C VAL A 117 -0.28 34.56 11.36
N PRO A 118 0.30 35.74 11.63
CA PRO A 118 1.41 36.14 10.76
C PRO A 118 2.65 35.28 10.91
N LEU A 119 2.76 34.62 12.06
CA LEU A 119 3.87 33.71 12.34
C LEU A 119 3.71 32.42 11.54
N ILE A 120 2.48 31.91 11.54
CA ILE A 120 2.11 30.76 10.72
C ILE A 120 2.25 31.02 9.22
N THR A 121 1.79 32.18 8.75
CA THR A 121 1.91 32.49 7.33
C THR A 121 3.37 32.51 6.91
N ASP A 122 4.22 33.07 7.78
CA ASP A 122 5.63 33.24 7.47
C ASP A 122 6.32 31.88 7.36
N GLU A 123 5.97 30.97 8.26
CA GLU A 123 6.54 29.63 8.24
C GLU A 123 6.17 28.88 6.97
N VAL A 124 4.88 28.95 6.60
CA VAL A 124 4.42 28.27 5.40
C VAL A 124 5.14 28.83 4.18
N GLU A 125 5.17 30.16 4.06
CA GLU A 125 5.78 30.82 2.92
C GLU A 125 7.29 30.56 2.83
N SER A 126 7.93 30.47 3.98
CA SER A 126 9.38 30.25 4.05
C SER A 126 9.69 28.79 3.76
N PHE A 127 8.84 27.90 4.24
CA PHE A 127 8.92 26.49 3.85
C PHE A 127 8.85 26.33 2.33
N VAL A 128 7.85 26.96 1.72
CA VAL A 128 7.58 26.75 0.29
C VAL A 128 8.76 27.29 -0.52
N LYS A 129 9.37 28.35 0.00
CA LYS A 129 10.50 29.00 -0.65
C LYS A 129 11.77 28.18 -0.49
N ASN A 130 11.93 27.54 0.66
CA ASN A 130 13.21 26.94 1.04
C ASN A 130 13.28 25.42 0.95
N SER A 131 12.17 24.74 1.17
CA SER A 131 12.14 23.28 1.16
C SER A 131 12.42 22.72 -0.23
N PRO A 132 13.06 21.54 -0.30
CA PRO A 132 13.14 20.80 -1.56
C PRO A 132 11.78 20.35 -2.07
N ALA A 133 10.84 20.12 -1.16
CA ALA A 133 9.51 19.64 -1.52
C ALA A 133 8.95 20.28 -2.78
N PHE A 134 9.02 21.61 -2.86
CA PHE A 134 8.26 22.35 -3.86
C PHE A 134 9.15 23.08 -4.84
N GLN A 135 10.39 22.61 -5.00
CA GLN A 135 11.32 23.29 -5.90
C GLN A 135 10.86 23.08 -7.34
N GLY A 136 10.89 24.15 -8.11
CA GLY A 136 10.44 24.12 -9.50
C GLY A 136 9.07 24.75 -9.66
N HIS A 137 8.70 25.05 -10.91
CA HIS A 137 7.36 25.56 -11.20
C HIS A 137 6.32 24.47 -11.06
N LYS A 138 6.72 23.23 -11.36
CA LYS A 138 5.78 22.12 -11.42
C LYS A 138 6.47 20.84 -10.95
N GLY A 139 5.72 19.98 -10.27
CA GLY A 139 6.33 18.80 -9.66
C GLY A 139 5.33 17.87 -8.99
N VAL A 140 5.85 16.88 -8.28
CA VAL A 140 5.08 16.04 -7.38
C VAL A 140 5.65 16.13 -5.96
N PHE A 141 4.80 15.97 -4.96
CA PHE A 141 5.28 15.92 -3.58
C PHE A 141 4.55 14.88 -2.74
N ASP A 142 5.29 14.33 -1.78
CA ASP A 142 4.76 13.45 -0.75
C ASP A 142 3.93 14.28 0.22
N VAL A 143 2.61 14.13 0.14
CA VAL A 143 1.69 14.99 0.86
C VAL A 143 1.88 14.90 2.37
N CYS A 144 1.86 13.67 2.91
CA CYS A 144 1.88 13.49 4.36
C CYS A 144 3.22 13.92 4.96
N LYS A 145 4.31 13.60 4.29
CA LYS A 145 5.63 13.98 4.77
C LYS A 145 5.80 15.50 4.75
N THR A 146 5.35 16.13 3.67
CA THR A 146 5.46 17.57 3.51
C THR A 146 4.57 18.32 4.50
N ILE A 147 3.33 17.86 4.65
CA ILE A 147 2.38 18.50 5.55
C ILE A 147 2.76 18.31 7.01
N ALA A 148 3.29 17.14 7.37
CA ALA A 148 3.75 16.90 8.73
C ALA A 148 4.83 17.90 9.12
N GLU A 149 5.74 18.17 8.19
CA GLU A 149 6.77 19.19 8.42
C GLU A 149 6.18 20.57 8.59
N ILE A 150 5.26 20.96 7.72
CA ILE A 150 4.68 22.30 7.77
C ILE A 150 3.93 22.52 9.08
N THR A 151 3.17 21.50 9.51
CA THR A 151 2.43 21.58 10.76
C THR A 151 3.36 21.69 11.98
N ILE A 152 4.46 20.95 11.98
CA ILE A 152 5.39 21.01 13.11
C ILE A 152 6.06 22.37 13.18
N TYR A 153 6.39 22.93 12.03
CA TYR A 153 7.03 24.24 11.99
C TYR A 153 6.04 25.33 12.39
N THR A 154 4.81 25.22 11.93
CA THR A 154 3.81 26.26 12.20
C THR A 154 3.36 26.23 13.65
N ALA A 155 3.17 25.05 14.20
CA ALA A 155 2.72 24.91 15.59
C ALA A 155 3.81 25.25 16.59
N SER A 156 5.05 24.86 16.31
CA SER A 156 6.15 25.14 17.23
C SER A 156 6.55 26.61 17.18
N ARG A 157 6.47 27.21 16.00
CA ARG A 157 6.77 28.62 15.84
C ARG A 157 5.80 29.51 16.62
N SER A 158 4.51 29.18 16.54
CA SER A 158 3.49 29.99 17.19
C SER A 158 3.26 29.58 18.64
N LEU A 159 2.84 28.34 18.82
CA LEU A 159 2.36 27.86 20.12
C LEU A 159 3.51 27.55 21.07
N GLN A 160 4.56 26.92 20.56
CA GLN A 160 5.69 26.49 21.39
C GLN A 160 6.73 27.59 21.60
N GLY A 161 6.86 28.49 20.63
CA GLY A 161 7.79 29.59 20.74
C GLY A 161 9.11 29.45 20.00
N LYS A 162 9.82 30.57 19.94
CA LYS A 162 11.09 30.71 19.25
C LYS A 162 12.10 29.59 19.51
N GLU A 163 12.29 29.25 20.79
CA GLU A 163 13.41 28.42 21.19
C GLU A 163 13.20 27.00 20.68
N VAL A 164 11.98 26.50 20.84
CA VAL A 164 11.60 25.18 20.36
C VAL A 164 11.60 25.11 18.82
N ARG A 165 11.03 26.12 18.19
CA ARG A 165 11.04 26.20 16.74
C ARG A 165 12.48 26.07 16.25
N SER A 166 13.35 26.88 16.83
CA SER A 166 14.75 26.93 16.44
C SER A 166 15.45 25.59 16.63
N LYS A 167 15.02 24.83 17.62
CA LYS A 167 15.65 23.54 17.90
C LYS A 167 15.18 22.43 16.96
N PHE A 168 14.06 22.67 16.30
CA PHE A 168 13.62 21.79 15.23
C PHE A 168 14.51 21.93 13.99
N ASP A 169 15.46 22.87 14.06
CA ASP A 169 16.48 23.00 13.02
C ASP A 169 17.68 22.11 13.31
N SER A 170 17.74 21.53 14.51
CA SER A 170 18.83 20.65 14.91
C SER A 170 18.46 19.33 15.56
N THR A 171 18.11 19.32 16.84
CA THR A 171 17.82 18.06 17.47
C THR A 171 16.38 17.63 17.74
N PHE A 172 15.44 18.55 17.72
CA PHE A 172 14.08 18.19 18.14
C PHE A 172 13.43 17.24 17.13
N ALA A 173 13.87 17.32 15.87
CA ALA A 173 13.35 16.45 14.83
C ALA A 173 13.49 14.98 15.22
N GLU A 174 14.72 14.59 15.57
CA GLU A 174 15.01 13.21 15.91
C GLU A 174 14.35 12.81 17.23
N LEU A 175 14.30 13.76 18.16
CA LEU A 175 13.70 13.53 19.47
C LEU A 175 12.21 13.22 19.34
N TYR A 176 11.51 14.03 18.56
CA TYR A 176 10.07 13.82 18.39
C TYR A 176 9.80 12.57 17.57
N HIS A 177 10.64 12.25 16.58
CA HIS A 177 10.49 10.98 15.89
C HIS A 177 10.59 9.79 16.84
N ASN A 178 11.57 9.81 17.75
CA ASN A 178 11.75 8.69 18.66
C ASN A 178 10.67 8.64 19.73
N LEU A 179 10.21 9.81 20.16
CA LEU A 179 9.17 9.86 21.19
C LEU A 179 7.87 9.30 20.63
N ASP A 180 7.65 9.56 19.34
CA ASP A 180 6.44 9.14 18.65
C ASP A 180 6.32 7.62 18.59
N MET A 181 7.42 6.94 18.83
CA MET A 181 7.47 5.50 18.82
C MET A 181 6.55 4.96 19.90
N GLY A 182 6.37 5.73 20.96
CA GLY A 182 5.47 5.37 22.05
C GLY A 182 4.05 5.03 21.58
N PHE A 183 3.70 5.49 20.38
CA PHE A 183 2.37 5.28 19.85
C PHE A 183 2.31 4.08 18.92
N ALA A 184 3.42 3.37 18.86
CA ALA A 184 3.51 2.12 18.10
C ALA A 184 2.38 1.19 18.52
N PRO A 185 1.70 0.57 17.55
CA PRO A 185 0.64 -0.39 17.82
C PRO A 185 0.96 -1.41 18.91
N ILE A 186 2.23 -1.79 19.03
CA ILE A 186 2.64 -2.78 20.01
C ILE A 186 2.46 -2.26 21.43
N ASN A 187 2.49 -0.94 21.59
CA ASN A 187 2.38 -0.33 22.91
C ASN A 187 0.93 -0.23 23.38
N PHE A 188 0.04 -0.89 22.67
CA PHE A 188 -1.35 -0.98 23.08
C PHE A 188 -1.42 -2.19 23.96
N MET A 189 -0.35 -2.94 23.98
CA MET A 189 -0.22 -4.09 24.80
C MET A 189 1.03 -4.13 25.62
N LEU A 190 2.09 -3.54 25.14
CA LEU A 190 3.34 -3.54 25.90
C LEU A 190 3.89 -2.12 25.89
N PRO A 191 3.23 -1.22 26.63
CA PRO A 191 3.77 0.14 26.70
C PRO A 191 4.82 0.18 27.80
N TRP A 192 4.68 -0.76 28.73
CA TRP A 192 5.57 -0.90 29.86
C TRP A 192 6.77 -1.80 29.59
N ALA A 193 6.78 -2.53 28.48
CA ALA A 193 7.90 -3.41 28.18
C ALA A 193 9.12 -2.64 27.69
N PRO A 194 10.31 -2.99 28.18
CA PRO A 194 11.53 -2.33 27.73
C PRO A 194 12.08 -2.83 26.40
N LEU A 195 11.18 -3.04 25.43
CA LEU A 195 11.56 -3.24 24.04
C LEU A 195 12.37 -2.05 23.53
N PRO A 196 13.25 -2.28 22.55
CA PRO A 196 14.18 -1.27 22.08
C PRO A 196 13.58 0.08 21.70
N HIS A 197 12.41 0.12 21.09
CA HIS A 197 11.75 1.37 20.75
C HIS A 197 11.28 2.15 21.98
N ASN A 198 10.72 1.45 22.93
CA ASN A 198 10.32 2.08 24.19
C ASN A 198 11.51 2.66 24.94
N ARG A 199 12.65 1.96 24.87
CA ARG A 199 13.92 2.51 25.36
C ARG A 199 14.26 3.84 24.72
N LYS A 200 13.98 3.96 23.41
CA LYS A 200 14.24 5.20 22.69
C LYS A 200 13.22 6.27 23.02
N ARG A 201 11.97 5.83 23.21
CA ARG A 201 10.92 6.71 23.70
C ARG A 201 11.37 7.40 24.98
N ASP A 202 11.90 6.62 25.92
CA ASP A 202 12.21 7.13 27.25
C ASP A 202 13.40 8.09 27.20
N ALA A 203 14.47 7.66 26.55
CA ALA A 203 15.60 8.54 26.32
C ALA A 203 15.10 9.87 25.75
N ALA A 204 14.14 9.79 24.83
CA ALA A 204 13.66 10.97 24.13
C ALA A 204 12.83 11.84 25.07
N GLN A 205 11.88 11.21 25.76
CA GLN A 205 11.13 11.91 26.80
C GLN A 205 12.03 12.68 27.75
N ARG A 206 13.13 12.06 28.18
CA ARG A 206 14.02 12.67 29.17
C ARG A 206 14.71 13.91 28.62
N LYS A 207 15.34 13.77 27.46
CA LYS A 207 16.08 14.87 26.85
C LYS A 207 15.16 16.01 26.41
N LEU A 208 13.94 15.68 26.01
CA LEU A 208 12.98 16.71 25.61
C LEU A 208 12.59 17.56 26.81
N THR A 209 12.29 16.89 27.91
CA THR A 209 12.02 17.57 29.18
C THR A 209 13.18 18.48 29.55
N GLU A 210 14.37 17.90 29.60
CA GLU A 210 15.60 18.63 29.91
C GLU A 210 15.65 19.98 29.18
N THR A 211 15.39 19.96 27.88
CA THR A 211 15.61 21.12 27.04
C THR A 211 14.57 22.20 27.34
N TYR A 212 13.30 21.79 27.42
CA TYR A 212 12.24 22.69 27.83
C TYR A 212 12.55 23.35 29.18
N MET A 213 13.00 22.55 30.12
CA MET A 213 13.31 23.02 31.46
C MET A 213 14.45 24.04 31.43
N GLU A 214 15.44 23.79 30.59
CA GLU A 214 16.48 24.77 30.31
C GLU A 214 15.97 26.04 29.62
N ILE A 215 14.98 25.91 28.75
CA ILE A 215 14.43 27.05 28.04
C ILE A 215 13.67 27.95 29.01
N ILE A 216 12.86 27.31 29.85
CA ILE A 216 12.11 28.00 30.90
C ILE A 216 13.03 28.75 31.86
N LYS A 217 14.00 28.04 32.43
CA LYS A 217 14.94 28.64 33.38
C LYS A 217 15.62 29.85 32.77
N ALA A 218 16.03 29.74 31.51
CA ALA A 218 16.74 30.83 30.84
C ALA A 218 15.84 32.03 30.60
N ARG A 219 14.52 31.81 30.60
CA ARG A 219 13.57 32.91 30.50
C ARG A 219 13.49 33.72 31.79
N ARG A 220 13.43 32.99 32.90
CA ARG A 220 13.35 33.52 34.24
C ARG A 220 14.55 34.34 34.60
N GLN A 221 15.71 33.87 34.17
CA GLN A 221 17.00 34.49 34.33
C GLN A 221 17.06 35.85 33.64
N ALA A 222 16.31 36.06 32.56
CA ALA A 222 16.19 37.36 31.97
C ALA A 222 14.98 38.17 32.49
N GLY A 223 14.09 37.57 33.27
CA GLY A 223 12.95 38.27 33.85
C GLY A 223 12.13 39.07 32.85
N SER A 224 11.60 38.41 31.84
CA SER A 224 10.95 39.12 30.73
C SER A 224 9.93 38.30 29.95
N LYS A 225 9.06 39.00 29.22
CA LYS A 225 8.09 38.37 28.33
C LYS A 225 8.11 38.94 26.91
N LYS A 226 7.88 38.11 25.89
CA LYS A 226 8.02 38.57 24.51
C LYS A 226 7.00 38.17 23.44
N ASP A 227 5.94 37.48 23.81
CA ASP A 227 5.04 36.93 22.81
C ASP A 227 3.86 36.20 23.44
N SER A 228 3.05 35.53 22.63
CA SER A 228 1.86 34.86 23.14
C SER A 228 1.92 33.34 23.19
N GLU A 229 3.08 32.75 23.08
CA GLU A 229 3.21 31.31 23.04
C GLU A 229 2.79 30.73 24.40
N ASP A 230 2.60 29.43 24.46
CA ASP A 230 2.02 28.76 25.61
C ASP A 230 3.03 28.65 26.75
N MET A 231 4.30 28.90 26.46
CA MET A 231 5.34 28.94 27.47
C MET A 231 5.22 30.12 28.43
N VAL A 232 5.31 31.31 27.89
CA VAL A 232 5.32 32.50 28.67
C VAL A 232 4.04 32.39 29.46
N TRP A 233 3.11 31.73 28.86
CA TRP A 233 1.79 31.52 29.44
C TRP A 233 1.70 30.55 30.62
N ASN A 234 2.25 29.35 30.48
CA ASN A 234 2.23 28.38 31.57
C ASN A 234 3.11 28.82 32.74
N LEU A 235 4.19 29.53 32.44
CA LEU A 235 5.04 30.13 33.47
C LEU A 235 4.26 31.02 34.43
N MET A 236 3.22 31.65 33.91
CA MET A 236 2.43 32.62 34.68
C MET A 236 1.12 32.00 35.14
N SER A 237 0.69 31.05 34.35
CA SER A 237 -0.59 30.36 34.54
C SER A 237 -0.37 29.13 35.28
N CYS A 238 0.62 29.24 36.11
CA CYS A 238 1.04 28.14 36.86
C CYS A 238 0.18 27.89 38.00
N VAL A 239 -0.73 28.78 38.31
CA VAL A 239 -1.37 28.58 39.58
C VAL A 239 -2.56 27.74 39.73
N TYR A 240 -2.37 26.65 40.40
CA TYR A 240 -3.43 25.71 40.68
C TYR A 240 -4.34 26.21 41.81
N LYS A 241 -5.47 25.57 41.91
CA LYS A 241 -6.48 25.98 42.88
C LYS A 241 -5.92 26.20 44.26
N ASN A 242 -5.00 25.35 44.69
CA ASN A 242 -4.40 25.43 45.99
C ASN A 242 -3.25 26.41 46.15
N GLY A 243 -2.99 27.22 45.15
CA GLY A 243 -1.95 28.20 45.22
C GLY A 243 -0.61 27.73 44.75
N THR A 244 -0.50 26.49 44.33
CA THR A 244 0.78 26.04 43.83
C THR A 244 0.98 26.37 42.36
N PRO A 245 2.09 26.99 42.03
CA PRO A 245 2.38 27.24 40.63
C PRO A 245 2.77 25.94 39.93
N VAL A 246 2.45 25.81 38.65
CA VAL A 246 2.83 24.65 37.87
C VAL A 246 4.32 24.68 37.84
N PRO A 247 4.91 23.58 38.25
CA PRO A 247 6.36 23.38 38.22
C PRO A 247 6.90 23.31 36.80
N ASP A 248 8.11 23.80 36.61
CA ASP A 248 8.79 23.74 35.32
C ASP A 248 8.63 22.39 34.62
N GLU A 249 8.67 21.31 35.38
CA GLU A 249 8.62 19.97 34.80
C GLU A 249 7.26 19.68 34.18
N GLU A 250 6.20 20.08 34.88
CA GLU A 250 4.85 19.92 34.39
C GLU A 250 4.61 20.78 33.15
N ILE A 251 5.21 21.96 33.13
CA ILE A 251 5.13 22.83 31.96
C ILE A 251 5.77 22.15 30.75
N ALA A 252 6.98 21.62 30.95
CA ALA A 252 7.69 20.94 29.89
C ALA A 252 6.83 19.82 29.31
N HIS A 253 6.30 19.00 30.23
CA HIS A 253 5.48 17.84 29.88
C HIS A 253 4.18 18.25 29.19
N MET A 254 3.63 19.40 29.55
CA MET A 254 2.38 19.86 28.95
C MET A 254 2.66 20.26 27.51
N MET A 255 3.75 20.98 27.31
CA MET A 255 4.19 21.38 25.98
C MET A 255 4.42 20.18 25.07
N ILE A 256 5.11 19.17 25.60
CA ILE A 256 5.35 17.95 24.83
C ILE A 256 4.01 17.36 24.39
N ALA A 257 3.08 17.26 25.34
CA ALA A 257 1.75 16.74 25.05
C ALA A 257 1.02 17.58 23.99
N LEU A 258 1.23 18.89 24.01
CA LEU A 258 0.50 19.78 23.10
C LEU A 258 1.11 19.69 21.71
N LEU A 259 2.42 19.56 21.63
CA LEU A 259 3.07 19.30 20.34
C LEU A 259 2.61 17.98 19.74
N MET A 260 2.49 16.95 20.57
CA MET A 260 2.05 15.64 20.08
C MET A 260 0.61 15.71 19.58
N ALA A 261 -0.24 16.35 20.37
CA ALA A 261 -1.66 16.52 20.03
C ALA A 261 -1.86 17.21 18.69
N GLY A 262 -1.26 18.39 18.53
CA GLY A 262 -1.37 19.14 17.29
C GLY A 262 -0.82 18.36 16.11
N GLN A 263 0.35 17.76 16.30
CA GLN A 263 1.04 17.16 15.16
C GLN A 263 0.22 16.01 14.57
N HIS A 264 -0.23 15.09 15.42
CA HIS A 264 -0.98 13.93 14.97
C HIS A 264 -2.27 14.32 14.27
N SER A 265 -3.11 15.07 14.98
CA SER A 265 -4.44 15.44 14.51
C SER A 265 -4.40 16.39 13.31
N SER A 266 -3.65 17.48 13.44
CA SER A 266 -3.66 18.53 12.42
C SER A 266 -2.98 18.08 11.13
N SER A 267 -1.86 17.38 11.25
CA SER A 267 -1.09 17.02 10.06
C SER A 267 -1.90 16.03 9.22
N SER A 268 -2.56 15.10 9.89
CA SER A 268 -3.48 14.18 9.23
C SER A 268 -4.55 14.96 8.47
N THR A 269 -5.16 15.91 9.16
CA THR A 269 -6.30 16.65 8.62
C THR A 269 -5.92 17.53 7.45
N ALA A 270 -4.82 18.28 7.62
CA ALA A 270 -4.29 19.12 6.54
C ALA A 270 -3.88 18.30 5.33
N SER A 271 -3.42 17.08 5.57
CA SER A 271 -3.05 16.17 4.48
C SER A 271 -4.27 15.78 3.66
N TRP A 272 -5.31 15.35 4.36
CA TRP A 272 -6.61 15.08 3.73
C TRP A 272 -7.15 16.28 2.97
N ILE A 273 -6.89 17.49 3.45
CA ILE A 273 -7.44 18.67 2.80
C ILE A 273 -6.79 18.79 1.42
N VAL A 274 -5.46 18.75 1.41
CA VAL A 274 -4.68 18.75 0.18
C VAL A 274 -5.11 17.67 -0.79
N LEU A 275 -5.31 16.45 -0.29
CA LEU A 275 -5.70 15.33 -1.13
C LEU A 275 -7.09 15.49 -1.73
N ARG A 276 -8.00 16.05 -0.95
CA ARG A 276 -9.35 16.34 -1.43
C ARG A 276 -9.30 17.44 -2.49
N LEU A 277 -8.53 18.49 -2.20
CA LEU A 277 -8.40 19.62 -3.12
C LEU A 277 -7.83 19.19 -4.47
N ALA A 278 -7.01 18.14 -4.45
CA ALA A 278 -6.39 17.62 -5.67
C ALA A 278 -7.41 16.91 -6.54
N THR A 279 -8.40 16.29 -5.90
CA THR A 279 -9.49 15.61 -6.60
C THR A 279 -10.56 16.59 -7.05
N ARG A 280 -10.54 17.80 -6.50
CA ARG A 280 -11.63 18.75 -6.68
C ARG A 280 -11.10 20.12 -7.06
N PRO A 281 -10.56 20.25 -8.29
CA PRO A 281 -9.99 21.50 -8.76
C PRO A 281 -11.00 22.64 -8.84
N ASP A 282 -12.27 22.30 -9.08
CA ASP A 282 -13.35 23.27 -8.97
C ASP A 282 -13.38 23.94 -7.60
N ILE A 283 -13.23 23.13 -6.56
CA ILE A 283 -13.26 23.64 -5.20
C ILE A 283 -12.07 24.53 -4.90
N MET A 284 -10.88 24.18 -5.37
CA MET A 284 -9.72 25.03 -5.14
C MET A 284 -9.87 26.38 -5.84
N GLU A 285 -10.51 26.38 -7.00
CA GLU A 285 -10.65 27.62 -7.76
C GLU A 285 -11.63 28.53 -7.03
N GLU A 286 -12.74 27.95 -6.59
CA GLU A 286 -13.65 28.61 -5.68
C GLU A 286 -12.93 29.24 -4.48
N LEU A 287 -12.06 28.48 -3.83
CA LEU A 287 -11.34 28.99 -2.66
C LEU A 287 -10.49 30.19 -3.08
N TYR A 288 -9.79 30.04 -4.20
CA TYR A 288 -8.98 31.11 -4.75
C TYR A 288 -9.84 32.34 -5.03
N GLN A 289 -10.99 32.15 -5.65
CA GLN A 289 -11.88 33.27 -5.96
C GLN A 289 -12.48 33.89 -4.70
N GLU A 290 -12.81 33.07 -3.71
CA GLU A 290 -13.28 33.60 -2.43
C GLU A 290 -12.25 34.54 -1.83
N GLN A 291 -10.97 34.18 -1.93
CA GLN A 291 -9.91 35.06 -1.44
C GLN A 291 -9.84 36.36 -2.25
N ILE A 292 -10.16 36.29 -3.53
CA ILE A 292 -10.08 37.47 -4.38
C ILE A 292 -11.24 38.42 -4.04
N ARG A 293 -12.44 37.86 -4.06
CA ARG A 293 -13.66 38.57 -3.68
C ARG A 293 -13.64 39.16 -2.27
N VAL A 294 -13.29 38.36 -1.28
CA VAL A 294 -13.40 38.78 0.11
C VAL A 294 -12.18 39.54 0.64
N LEU A 295 -11.00 39.30 0.07
CA LEU A 295 -9.81 40.04 0.48
C LEU A 295 -9.32 41.05 -0.55
N GLY A 296 -9.68 40.83 -1.82
CA GLY A 296 -9.23 41.70 -2.89
C GLY A 296 -8.22 41.09 -3.84
N SER A 297 -8.20 41.59 -5.06
CA SER A 297 -7.38 41.04 -6.13
C SER A 297 -5.89 41.17 -5.83
N ASP A 298 -5.54 42.16 -5.03
CA ASP A 298 -4.17 42.34 -4.57
C ASP A 298 -3.67 41.25 -3.62
N LEU A 299 -4.60 40.46 -3.09
CA LEU A 299 -4.34 39.39 -2.14
C LEU A 299 -3.50 39.78 -0.93
N PRO A 300 -3.94 40.74 -0.14
CA PRO A 300 -3.19 41.27 0.99
C PRO A 300 -2.93 40.21 2.05
N PRO A 301 -2.01 40.48 2.99
CA PRO A 301 -1.68 39.50 4.01
C PRO A 301 -2.88 38.96 4.78
N LEU A 302 -2.78 37.69 5.15
CA LEU A 302 -3.76 37.06 6.02
C LEU A 302 -3.61 37.58 7.45
N THR A 303 -4.75 37.93 8.04
CA THR A 303 -4.82 38.32 9.44
C THR A 303 -5.87 37.46 10.13
N TYR A 304 -5.86 37.47 11.46
CA TYR A 304 -6.88 36.78 12.25
C TYR A 304 -8.28 37.21 11.85
N ASP A 305 -8.44 38.50 11.57
CA ASP A 305 -9.75 39.04 11.26
C ASP A 305 -10.27 38.66 9.88
N ASN A 306 -9.42 38.72 8.85
CA ASN A 306 -9.90 38.49 7.50
C ASN A 306 -10.02 37.00 7.17
N LEU A 307 -9.36 36.16 7.96
CA LEU A 307 -9.49 34.71 7.81
C LEU A 307 -10.90 34.21 8.11
N GLN A 308 -11.51 34.81 9.13
CA GLN A 308 -12.84 34.39 9.56
C GLN A 308 -13.88 34.69 8.49
N LYS A 309 -13.52 35.56 7.55
CA LYS A 309 -14.41 35.88 6.43
C LYS A 309 -14.26 34.88 5.29
N LEU A 310 -13.39 33.90 5.45
CA LEU A 310 -13.14 32.93 4.38
C LEU A 310 -14.04 31.71 4.56
N ASP A 311 -15.32 31.95 4.25
CA ASP A 311 -16.42 31.06 4.58
C ASP A 311 -16.24 29.66 4.01
N LEU A 312 -15.78 29.60 2.76
CA LEU A 312 -15.59 28.33 2.07
C LEU A 312 -14.37 27.57 2.58
N HIS A 313 -13.33 28.30 2.98
CA HIS A 313 -12.16 27.69 3.62
C HIS A 313 -12.59 26.93 4.86
N ALA A 314 -13.45 27.56 5.66
CA ALA A 314 -13.95 26.94 6.89
C ALA A 314 -14.74 25.67 6.61
N LYS A 315 -15.56 25.72 5.56
CA LYS A 315 -16.42 24.58 5.23
C LYS A 315 -15.61 23.41 4.68
N VAL A 316 -14.51 23.74 4.00
CA VAL A 316 -13.59 22.73 3.48
C VAL A 316 -12.98 21.96 4.63
N ILE A 317 -12.61 22.68 5.69
CA ILE A 317 -12.12 22.06 6.91
C ILE A 317 -13.19 21.24 7.60
N LYS A 318 -14.36 21.85 7.79
CA LYS A 318 -15.48 21.20 8.48
C LYS A 318 -15.86 19.90 7.77
N GLU A 319 -15.99 19.96 6.45
CA GLU A 319 -16.32 18.80 5.64
C GLU A 319 -15.22 17.74 5.63
N THR A 320 -13.96 18.17 5.66
CA THR A 320 -12.87 17.21 5.75
C THR A 320 -12.87 16.50 7.09
N LEU A 321 -13.08 17.26 8.17
CA LEU A 321 -13.24 16.66 9.49
C LEU A 321 -14.45 15.73 9.53
N ARG A 322 -15.48 16.02 8.75
CA ARG A 322 -16.67 15.18 8.75
C ARG A 322 -16.34 13.77 8.27
N LEU A 323 -15.47 13.65 7.27
CA LEU A 323 -15.15 12.33 6.73
C LEU A 323 -13.83 11.76 7.22
N HIS A 324 -12.93 12.62 7.69
CA HIS A 324 -11.58 12.18 8.02
C HIS A 324 -11.07 12.61 9.40
N ALA A 325 -11.97 12.87 10.34
CA ALA A 325 -11.54 13.20 11.69
C ALA A 325 -10.56 12.13 12.18
N PRO A 326 -9.42 12.54 12.73
CA PRO A 326 -8.34 11.61 13.03
C PRO A 326 -8.66 10.61 14.12
N ILE A 327 -9.48 11.01 15.09
CA ILE A 327 -9.88 10.10 16.16
C ILE A 327 -11.23 9.47 15.84
N HIS A 328 -11.22 8.16 15.64
CA HIS A 328 -12.43 7.43 15.25
C HIS A 328 -13.03 6.68 16.42
N SER A 329 -12.25 6.59 17.50
CA SER A 329 -12.61 5.72 18.61
C SER A 329 -12.23 6.36 19.95
N ILE A 330 -13.25 6.59 20.76
CA ILE A 330 -13.06 7.13 22.11
C ILE A 330 -13.49 6.07 23.13
N ILE A 331 -12.54 5.62 23.90
CA ILE A 331 -12.71 4.52 24.80
C ILE A 331 -12.59 4.87 26.27
N ARG A 332 -13.52 4.38 27.08
CA ARG A 332 -13.50 4.59 28.52
C ARG A 332 -13.61 3.25 29.25
N ALA A 333 -13.05 3.20 30.45
CA ALA A 333 -13.23 2.05 31.32
C ALA A 333 -14.51 2.19 32.13
N VAL A 334 -15.28 1.10 32.21
CA VAL A 334 -16.48 1.06 33.03
C VAL A 334 -16.08 0.75 34.47
N LYS A 335 -16.38 1.66 35.40
CA LYS A 335 -15.86 1.56 36.75
C LYS A 335 -16.95 1.16 37.74
N ASN A 336 -18.17 1.63 37.49
CA ASN A 336 -19.34 1.07 38.15
C ASN A 336 -20.36 0.62 37.11
N PRO A 337 -21.01 -0.53 37.34
CA PRO A 337 -21.97 -1.03 36.36
C PRO A 337 -22.99 0.03 35.95
N MET A 338 -23.32 0.06 34.66
CA MET A 338 -24.28 1.01 34.12
C MET A 338 -25.33 0.34 33.23
N ALA A 339 -26.52 0.92 33.22
CA ALA A 339 -27.59 0.40 32.38
C ALA A 339 -28.07 1.45 31.37
N VAL A 340 -28.66 0.98 30.27
CA VAL A 340 -29.14 1.81 29.15
C VAL A 340 -30.60 2.14 29.42
N ASP A 341 -30.92 3.44 29.53
CA ASP A 341 -32.21 3.83 30.11
C ASP A 341 -33.40 3.14 29.44
N GLY A 342 -33.32 2.91 28.13
CA GLY A 342 -34.47 2.43 27.37
C GLY A 342 -34.47 0.94 27.12
N THR A 343 -33.61 0.21 27.82
CA THR A 343 -33.45 -1.22 27.60
C THR A 343 -33.06 -1.98 28.86
N SER A 344 -33.15 -3.31 28.76
CA SER A 344 -32.69 -4.23 29.80
C SER A 344 -31.17 -4.29 29.94
N TYR A 345 -30.46 -3.72 28.98
CA TYR A 345 -29.00 -3.83 28.95
C TYR A 345 -28.34 -3.21 30.16
N VAL A 346 -27.27 -3.86 30.61
CA VAL A 346 -26.42 -3.31 31.65
C VAL A 346 -24.98 -3.70 31.30
N ILE A 347 -24.05 -2.78 31.53
CA ILE A 347 -22.66 -3.03 31.15
C ILE A 347 -21.78 -3.26 32.36
N PRO A 348 -21.16 -4.45 32.43
CA PRO A 348 -20.30 -4.78 33.56
C PRO A 348 -18.98 -4.03 33.57
N THR A 349 -18.30 -4.10 34.72
CA THR A 349 -17.05 -3.40 34.95
C THR A 349 -15.86 -4.18 34.40
N SER A 350 -16.13 -5.29 33.71
CA SER A 350 -15.09 -6.00 32.99
C SER A 350 -14.99 -5.44 31.57
N HIS A 351 -15.91 -4.54 31.27
CA HIS A 351 -16.03 -3.96 29.93
C HIS A 351 -15.33 -2.61 29.87
N ASN A 352 -14.75 -2.29 28.72
CA ASN A 352 -14.63 -0.90 28.29
C ASN A 352 -15.84 -0.51 27.46
N VAL A 353 -16.01 0.77 27.23
CA VAL A 353 -17.04 1.26 26.37
C VAL A 353 -16.42 2.05 25.28
N LEU A 354 -17.02 2.03 24.10
CA LEU A 354 -16.47 2.80 23.02
C LEU A 354 -17.47 3.65 22.30
N SER A 355 -17.18 4.93 22.14
CA SER A 355 -17.95 5.85 21.32
C SER A 355 -17.21 6.11 20.01
N SER A 356 -17.96 6.20 18.91
CA SER A 356 -17.39 6.63 17.64
C SER A 356 -18.16 7.78 16.99
N PRO A 357 -17.81 9.03 17.33
CA PRO A 357 -18.54 10.16 16.74
C PRO A 357 -18.40 10.27 15.23
N GLY A 358 -17.45 9.54 14.67
CA GLY A 358 -17.27 9.48 13.23
C GLY A 358 -18.36 8.68 12.53
N VAL A 359 -19.00 7.80 13.28
CA VAL A 359 -20.07 6.97 12.73
C VAL A 359 -21.30 7.79 12.34
N THR A 360 -21.70 8.73 13.18
CA THR A 360 -22.88 9.53 12.89
C THR A 360 -22.61 10.56 11.78
N ALA A 361 -21.36 11.00 11.70
CA ALA A 361 -20.96 12.02 10.74
C ALA A 361 -20.96 11.51 9.31
N ARG A 362 -20.90 10.19 9.15
CA ARG A 362 -20.99 9.57 7.83
C ARG A 362 -22.20 8.66 7.72
N SER A 363 -23.26 9.01 8.45
CA SER A 363 -24.52 8.27 8.39
C SER A 363 -25.50 8.94 7.43
N GLU A 364 -26.26 8.12 6.71
CA GLU A 364 -27.32 8.61 5.82
C GLU A 364 -28.41 9.33 6.58
N GLU A 365 -28.71 8.90 7.81
CA GLU A 365 -29.75 9.56 8.59
C GLU A 365 -29.46 11.06 8.65
N HIS A 366 -28.24 11.38 9.04
CA HIS A 366 -27.86 12.73 9.43
C HIS A 366 -27.27 13.48 8.26
N PHE A 367 -26.72 12.75 7.29
CA PHE A 367 -26.05 13.37 6.16
C PHE A 367 -26.33 12.68 4.84
N PRO A 368 -27.12 13.31 3.98
CA PRO A 368 -27.43 12.75 2.67
C PRO A 368 -26.18 12.62 1.80
N ASN A 369 -26.03 11.47 1.16
CA ASN A 369 -24.88 11.15 0.33
C ASN A 369 -23.64 11.44 1.13
N PRO A 370 -23.55 10.77 2.26
CA PRO A 370 -22.59 10.93 3.33
C PRO A 370 -21.16 10.75 2.95
N LEU A 371 -20.89 9.85 2.06
CA LEU A 371 -19.51 9.57 1.69
C LEU A 371 -19.01 10.50 0.60
N GLU A 372 -19.91 11.34 0.09
CA GLU A 372 -19.53 12.41 -0.83
C GLU A 372 -18.90 13.56 -0.04
N TRP A 373 -17.66 13.87 -0.39
CA TRP A 373 -16.99 15.04 0.17
C TRP A 373 -17.49 16.28 -0.58
N ASN A 374 -18.42 17.01 0.05
CA ASN A 374 -18.92 18.25 -0.52
C ASN A 374 -18.99 19.35 0.52
N PRO A 375 -18.10 20.35 0.42
CA PRO A 375 -18.10 21.47 1.36
C PRO A 375 -19.41 22.24 1.34
N HIS A 376 -20.12 22.20 0.22
CA HIS A 376 -21.29 23.05 0.03
C HIS A 376 -22.51 22.54 0.79
N ARG A 377 -22.47 21.30 1.26
CA ARG A 377 -23.52 20.79 2.14
C ARG A 377 -23.65 21.62 3.40
N TRP A 378 -22.64 22.45 3.65
CA TRP A 378 -22.63 23.32 4.78
C TRP A 378 -23.30 24.66 4.49
N ASP A 379 -23.82 24.78 3.30
CA ASP A 379 -24.52 25.96 2.87
C ASP A 379 -25.79 26.12 3.77
N GLU A 380 -26.27 25.01 4.33
CA GLU A 380 -27.30 24.99 5.37
C GLU A 380 -26.83 25.68 6.65
N ASN A 381 -25.59 25.42 7.07
CA ASN A 381 -25.03 26.16 8.20
C ASN A 381 -23.51 26.06 8.36
N ILE A 382 -22.93 27.14 8.89
CA ILE A 382 -21.51 27.14 9.26
C ILE A 382 -21.22 27.83 10.58
N ALA A 383 -20.30 27.20 11.32
CA ALA A 383 -19.77 27.73 12.56
C ALA A 383 -18.44 27.03 12.87
N ALA A 384 -17.44 27.76 13.32
CA ALA A 384 -16.20 27.11 13.76
C ALA A 384 -16.38 26.66 15.20
N SER A 385 -17.24 27.40 15.91
CA SER A 385 -17.87 26.90 17.13
C SER A 385 -19.39 26.96 17.05
N ALA A 386 -20.03 25.82 17.24
CA ALA A 386 -21.48 25.75 17.21
C ALA A 386 -22.04 25.05 18.43
N GLU A 387 -22.99 25.70 19.09
CA GLU A 387 -23.67 25.11 20.24
C GLU A 387 -25.08 25.66 20.51
N ASP A 388 -26.07 24.77 20.46
CA ASP A 388 -27.45 25.10 20.77
C ASP A 388 -27.97 24.33 21.99
N ASP A 389 -27.16 23.44 22.54
CA ASP A 389 -27.52 22.61 23.70
C ASP A 389 -27.24 23.24 25.05
N GLU A 390 -27.54 22.48 26.09
CA GLU A 390 -27.22 22.90 27.45
C GLU A 390 -25.71 22.91 27.67
N LYS A 391 -25.27 23.63 28.70
CA LYS A 391 -23.84 23.82 28.90
C LYS A 391 -23.36 23.34 30.26
N VAL A 392 -22.15 22.80 30.31
CA VAL A 392 -21.61 22.38 31.58
C VAL A 392 -20.17 22.86 31.67
N ASP A 393 -19.82 23.40 32.83
CA ASP A 393 -18.46 23.82 33.09
C ASP A 393 -17.80 22.78 33.99
N TYR A 394 -16.75 22.14 33.48
CA TYR A 394 -16.13 21.01 34.17
C TYR A 394 -14.88 21.45 34.91
N GLY A 395 -14.59 22.76 34.86
CA GLY A 395 -13.37 23.29 35.45
C GLY A 395 -12.50 24.10 34.50
N TYR A 396 -12.72 23.96 33.20
CA TYR A 396 -11.98 24.75 32.23
C TYR A 396 -12.90 25.64 31.40
N GLY A 397 -14.04 25.97 32.00
CA GLY A 397 -14.98 26.89 31.37
C GLY A 397 -16.18 26.18 30.79
N LEU A 398 -17.13 26.97 30.30
CA LEU A 398 -18.41 26.47 29.83
C LEU A 398 -18.29 25.84 28.45
N VAL A 399 -18.86 24.66 28.30
CA VAL A 399 -18.88 23.95 27.02
C VAL A 399 -20.11 23.07 26.90
N SER A 400 -20.59 22.94 25.67
CA SER A 400 -21.75 22.10 25.38
C SER A 400 -21.45 20.64 25.63
N LYS A 401 -22.45 19.92 26.05
CA LYS A 401 -22.34 18.52 26.22
C LYS A 401 -22.80 17.96 24.88
N GLY A 402 -23.22 18.89 24.06
CA GLY A 402 -23.82 18.65 22.75
C GLY A 402 -23.59 17.29 22.11
N THR A 403 -24.61 16.44 22.19
CA THR A 403 -24.62 15.21 21.40
C THR A 403 -25.91 14.97 20.63
N ASN A 404 -26.86 15.92 20.68
CA ASN A 404 -27.96 15.88 19.74
C ASN A 404 -27.40 16.09 18.34
N SER A 405 -26.24 16.74 18.26
CA SER A 405 -25.44 16.79 17.04
C SER A 405 -24.79 15.45 16.68
N PRO A 406 -24.93 15.04 15.41
CA PRO A 406 -24.27 13.85 14.90
C PRO A 406 -22.82 14.12 14.50
N TYR A 407 -22.44 15.39 14.55
CA TYR A 407 -21.11 15.85 14.15
C TYR A 407 -20.26 16.29 15.34
N LEU A 408 -19.34 15.41 15.74
CA LEU A 408 -18.50 15.66 16.91
C LEU A 408 -17.04 15.28 16.66
N PRO A 409 -16.35 16.04 15.80
CA PRO A 409 -14.97 15.66 15.52
C PRO A 409 -14.03 16.04 16.67
N PHE A 410 -14.43 16.99 17.51
CA PHE A 410 -13.61 17.37 18.66
C PHE A 410 -14.15 16.79 19.96
N GLY A 411 -15.02 15.79 19.84
CA GLY A 411 -15.60 15.11 20.99
C GLY A 411 -16.68 15.89 21.70
N ALA A 412 -16.89 15.52 22.96
CA ALA A 412 -17.95 16.08 23.79
C ALA A 412 -17.73 15.69 25.25
N GLY A 413 -18.36 16.41 26.16
CA GLY A 413 -18.26 16.13 27.58
C GLY A 413 -16.95 16.64 28.16
N ARG A 414 -16.58 16.15 29.34
CA ARG A 414 -15.50 16.75 30.12
C ARG A 414 -14.17 16.64 29.39
N HIS A 415 -14.01 15.60 28.57
CA HIS A 415 -12.73 15.33 27.91
C HIS A 415 -12.60 15.96 26.53
N ARG A 416 -13.55 16.80 26.13
CA ARG A 416 -13.55 17.33 24.77
C ARG A 416 -12.39 18.27 24.49
N CYS A 417 -12.05 18.41 23.21
CA CYS A 417 -10.88 19.14 22.76
C CYS A 417 -10.93 20.61 23.17
N ILE A 418 -9.82 21.12 23.67
CA ILE A 418 -9.64 22.56 23.87
C ILE A 418 -8.69 23.15 22.84
N GLY A 419 -8.28 22.33 21.89
CA GLY A 419 -7.41 22.78 20.81
C GLY A 419 -8.14 23.27 19.57
N GLU A 420 -9.47 23.24 19.62
CA GLU A 420 -10.28 23.31 18.41
C GLU A 420 -10.11 24.63 17.66
N GLN A 421 -10.07 25.73 18.38
CA GLN A 421 -9.94 27.03 17.73
C GLN A 421 -8.54 27.22 17.17
N PHE A 422 -7.54 26.67 17.86
CA PHE A 422 -6.18 26.74 17.33
C PHE A 422 -6.06 25.87 16.08
N ALA A 423 -6.68 24.70 16.12
CA ALA A 423 -6.62 23.78 14.99
C ALA A 423 -7.21 24.45 13.75
N TYR A 424 -8.40 25.03 13.90
CA TYR A 424 -9.02 25.76 12.81
C TYR A 424 -8.16 26.89 12.28
N LEU A 425 -7.51 27.61 13.20
CA LEU A 425 -6.70 28.75 12.80
C LEU A 425 -5.51 28.28 11.97
N GLN A 426 -4.87 27.22 12.45
CA GLN A 426 -3.70 26.65 11.80
C GLN A 426 -4.04 26.03 10.45
N LEU A 427 -5.02 25.18 10.33
CA LEU A 427 -5.58 24.56 9.14
C LEU A 427 -6.13 25.62 8.20
N GLY A 428 -6.88 26.51 8.61
CA GLY A 428 -7.35 27.63 7.79
C GLY A 428 -6.23 28.47 7.19
N THR A 429 -5.21 28.76 7.99
CA THR A 429 -4.09 29.56 7.53
C THR A 429 -3.20 28.80 6.54
N ILE A 430 -2.79 27.58 6.89
CA ILE A 430 -2.06 26.74 5.94
C ILE A 430 -2.79 26.61 4.61
N THR A 431 -4.09 26.34 4.68
CA THR A 431 -4.89 26.11 3.48
C THR A 431 -4.97 27.36 2.61
N ALA A 432 -5.25 28.50 3.24
CA ALA A 432 -5.33 29.77 2.52
C ALA A 432 -4.05 30.12 1.80
N VAL A 433 -2.90 29.88 2.44
CA VAL A 433 -1.61 30.18 1.85
C VAL A 433 -1.35 29.26 0.67
N LEU A 434 -1.56 27.95 0.89
CA LEU A 434 -1.42 26.97 -0.17
C LEU A 434 -2.32 27.28 -1.36
N VAL A 435 -3.52 27.76 -1.09
CA VAL A 435 -4.47 28.09 -2.14
C VAL A 435 -3.99 29.27 -2.99
N ARG A 436 -3.27 30.20 -2.37
CA ARG A 436 -2.66 31.31 -3.07
C ARG A 436 -1.53 30.87 -4.01
N LEU A 437 -0.73 29.92 -3.52
CA LEU A 437 0.54 29.59 -4.15
C LEU A 437 0.40 28.49 -5.21
N PHE A 438 -0.59 27.63 -5.06
CA PHE A 438 -0.64 26.42 -5.87
C PHE A 438 -1.99 26.05 -6.50
N ARG A 439 -1.88 25.20 -7.50
CA ARG A 439 -2.94 24.30 -7.95
C ARG A 439 -2.47 22.88 -7.66
N PHE A 440 -3.36 21.98 -7.24
CA PHE A 440 -3.00 20.58 -7.00
C PHE A 440 -3.78 19.66 -7.93
N ARG A 441 -3.16 18.57 -8.37
CA ARG A 441 -3.81 17.56 -9.21
C ARG A 441 -3.36 16.17 -8.78
N ASN A 442 -4.19 15.17 -8.98
CA ASN A 442 -3.77 13.78 -8.76
C ASN A 442 -2.67 13.40 -9.75
N LEU A 443 -1.89 12.38 -9.41
CA LEU A 443 -0.93 11.81 -10.35
C LEU A 443 -1.64 11.17 -11.53
N PRO A 444 -0.95 11.03 -12.67
CA PRO A 444 -1.56 10.48 -13.88
C PRO A 444 -2.34 9.19 -13.64
N GLY A 445 -3.61 9.21 -14.02
CA GLY A 445 -4.47 8.04 -13.96
C GLY A 445 -4.91 7.62 -12.57
N VAL A 446 -4.65 8.46 -11.58
CA VAL A 446 -5.12 8.22 -10.22
C VAL A 446 -6.45 8.95 -10.04
N ASP A 447 -7.49 8.19 -9.71
CA ASP A 447 -8.79 8.78 -9.41
C ASP A 447 -9.08 8.73 -7.92
N GLY A 448 -9.69 9.79 -7.40
CA GLY A 448 -10.10 9.81 -5.99
C GLY A 448 -8.93 9.90 -5.04
N ILE A 449 -9.19 9.55 -3.79
CA ILE A 449 -8.25 9.77 -2.70
C ILE A 449 -7.70 8.46 -2.16
N PRO A 450 -6.55 8.52 -1.47
CA PRO A 450 -5.98 7.29 -0.92
C PRO A 450 -6.86 6.61 0.12
N ASP A 451 -6.48 5.39 0.45
CA ASP A 451 -7.09 4.65 1.56
C ASP A 451 -6.65 5.25 2.89
N THR A 452 -7.37 4.87 3.94
CA THR A 452 -7.08 5.34 5.28
C THR A 452 -6.33 4.26 6.06
N ASP A 453 -5.24 4.67 6.71
CA ASP A 453 -4.51 3.79 7.62
C ASP A 453 -5.06 4.03 9.02
N TYR A 454 -5.88 3.10 9.48
CA TYR A 454 -6.37 3.12 10.85
C TYR A 454 -5.36 2.37 11.72
N SER A 455 -4.63 3.16 12.52
CA SER A 455 -3.65 2.61 13.44
C SER A 455 -3.46 3.58 14.60
N SER A 456 -3.09 3.01 15.74
CA SER A 456 -2.75 3.81 16.91
C SER A 456 -3.90 4.74 17.28
N LEU A 457 -5.08 4.37 16.81
CA LEU A 457 -6.31 5.11 17.05
C LEU A 457 -6.28 6.42 16.30
N PHE A 458 -5.30 6.62 15.44
CA PHE A 458 -5.19 7.81 14.61
C PHE A 458 -5.33 7.47 13.14
N SER A 459 -6.41 7.98 12.55
CA SER A 459 -6.61 7.90 11.11
C SER A 459 -5.59 8.78 10.41
N LYS A 460 -5.08 8.29 9.29
CA LYS A 460 -4.32 9.13 8.38
C LYS A 460 -4.25 8.49 6.99
N PRO A 461 -3.84 9.29 5.99
CA PRO A 461 -3.70 8.68 4.66
C PRO A 461 -2.74 7.49 4.70
N LEU A 462 -3.16 6.43 4.05
CA LEU A 462 -2.43 5.20 4.02
C LEU A 462 -1.50 5.10 2.89
N GLY A 463 -0.26 4.80 3.20
CA GLY A 463 0.76 4.69 2.22
C GLY A 463 1.40 6.02 1.99
N ARG A 464 2.10 6.08 0.91
CA ARG A 464 2.81 7.30 0.49
C ARG A 464 2.06 7.94 -0.67
N SER A 465 1.33 9.01 -0.36
CA SER A 465 0.48 9.64 -1.36
C SER A 465 1.15 10.90 -1.91
N PHE A 466 1.45 10.83 -3.20
CA PHE A 466 1.90 12.00 -3.95
C PHE A 466 0.72 12.65 -4.65
N VAL A 467 0.81 13.97 -4.77
CA VAL A 467 -0.05 14.69 -5.71
C VAL A 467 0.86 15.64 -6.49
N GLU A 468 0.37 16.07 -7.64
CA GLU A 468 1.07 17.03 -8.47
C GLU A 468 0.81 18.45 -7.96
N PHE A 469 1.83 19.30 -8.06
CA PHE A 469 1.68 20.72 -7.76
C PHE A 469 2.08 21.55 -8.96
N GLU A 470 1.38 22.68 -9.13
CA GLU A 470 1.84 23.73 -10.03
C GLU A 470 1.72 25.09 -9.35
N LYS A 471 2.77 25.91 -9.45
CA LYS A 471 2.77 27.24 -8.88
C LYS A 471 1.99 28.21 -9.75
N ARG A 472 1.06 28.94 -9.15
CA ARG A 472 0.29 29.98 -9.83
C ARG A 472 1.18 31.08 -10.39
N HIS A 473 2.22 31.44 -9.63
CA HIS A 473 3.32 32.23 -10.16
C HIS A 473 4.63 31.48 -9.99
N THR B 5 7.97 -39.71 8.52
CA THR B 5 7.31 -38.50 8.02
C THR B 5 7.97 -37.22 8.47
N PRO B 6 7.79 -36.19 7.66
CA PRO B 6 8.45 -34.90 7.68
C PRO B 6 7.98 -34.02 8.84
N PRO B 7 8.89 -33.25 9.43
CA PRO B 7 8.58 -32.35 10.54
C PRO B 7 7.59 -31.27 10.13
N VAL B 8 6.40 -31.32 10.71
CA VAL B 8 5.36 -30.33 10.43
C VAL B 8 5.73 -28.99 11.04
N VAL B 9 5.44 -27.92 10.30
CA VAL B 9 5.74 -26.57 10.76
C VAL B 9 4.77 -26.15 11.86
N PHE B 10 5.28 -25.93 13.07
CA PHE B 10 4.43 -25.99 14.26
C PHE B 10 3.67 -24.69 14.42
N HIS B 11 2.53 -24.63 13.76
CA HIS B 11 1.70 -23.44 13.62
C HIS B 11 0.69 -23.32 14.77
N TRP B 12 -0.21 -22.36 14.69
CA TRP B 12 -1.07 -22.02 15.82
C TRP B 12 -2.55 -22.33 15.65
N PHE B 13 -3.09 -22.16 14.45
CA PHE B 13 -4.52 -22.39 14.21
C PHE B 13 -4.81 -23.41 13.12
N PRO B 14 -5.90 -24.17 13.29
CA PRO B 14 -6.40 -25.17 12.36
C PRO B 14 -7.15 -24.52 11.20
N PHE B 15 -6.75 -24.90 9.99
CA PHE B 15 -7.27 -24.45 8.69
C PHE B 15 -6.81 -23.04 8.33
N ILE B 16 -5.72 -22.65 8.91
CA ILE B 16 -5.12 -21.45 8.51
C ILE B 16 -3.72 -21.95 8.35
N GLY B 17 -3.19 -22.48 9.43
CA GLY B 17 -1.85 -23.03 9.35
C GLY B 17 -0.94 -21.86 9.03
N SER B 18 -0.03 -22.12 8.10
CA SER B 18 0.97 -21.12 7.76
C SER B 18 0.55 -20.41 6.49
N THR B 19 -0.68 -20.64 6.06
CA THR B 19 -1.20 -19.98 4.86
C THR B 19 -0.90 -18.49 4.88
N ILE B 20 -1.27 -17.81 5.95
CA ILE B 20 -1.06 -16.37 6.04
C ILE B 20 0.42 -16.02 5.97
N SER B 21 1.25 -16.78 6.67
CA SER B 21 2.69 -16.53 6.66
C SER B 21 3.27 -16.78 5.27
N TYR B 22 2.73 -17.79 4.59
CA TYR B 22 3.14 -18.13 3.24
C TYR B 22 2.72 -17.04 2.25
N GLY B 23 1.45 -16.69 2.31
CA GLY B 23 0.89 -15.67 1.42
C GLY B 23 1.59 -14.33 1.51
N ILE B 24 1.95 -13.92 2.72
CA ILE B 24 2.53 -12.61 2.95
C ILE B 24 3.93 -12.51 2.33
N ASP B 25 4.75 -13.54 2.57
CA ASP B 25 6.11 -13.56 2.06
C ASP B 25 6.65 -14.99 2.10
N PRO B 26 6.49 -15.73 0.99
CA PRO B 26 6.81 -17.15 0.97
C PRO B 26 8.30 -17.42 1.11
N TYR B 27 9.14 -16.46 0.77
CA TYR B 27 10.58 -16.62 0.94
C TYR B 27 11.02 -16.43 2.38
N LYS B 28 10.51 -15.38 3.03
CA LYS B 28 10.68 -15.21 4.47
C LYS B 28 10.24 -16.48 5.19
N PHE B 29 9.13 -17.03 4.74
CA PHE B 29 8.53 -18.21 5.36
C PHE B 29 9.43 -19.43 5.21
N PHE B 30 9.84 -19.69 3.98
CA PHE B 30 10.68 -20.85 3.67
C PHE B 30 12.03 -20.76 4.38
N PHE B 31 12.54 -19.55 4.54
CA PHE B 31 13.87 -19.37 5.10
C PHE B 31 13.86 -19.56 6.61
N ASP B 32 12.82 -19.04 7.27
CA ASP B 32 12.57 -19.37 8.68
C ASP B 32 12.49 -20.87 8.87
N CYS B 33 11.67 -21.51 8.04
CA CYS B 33 11.44 -22.95 8.10
C CYS B 33 12.74 -23.70 7.86
N ARG B 34 13.49 -23.30 6.85
CA ARG B 34 14.85 -23.79 6.63
C ARG B 34 15.62 -23.80 7.95
N ALA B 35 15.60 -22.68 8.66
CA ALA B 35 16.40 -22.51 9.87
C ALA B 35 15.96 -23.48 10.97
N LYS B 36 14.65 -23.65 11.10
CA LYS B 36 14.09 -24.43 12.19
C LYS B 36 14.00 -25.93 11.90
N TYR B 37 13.80 -26.32 10.65
CA TYR B 37 13.64 -27.74 10.33
C TYR B 37 14.54 -28.29 9.24
N GLY B 38 15.45 -27.47 8.72
CA GLY B 38 16.24 -27.86 7.55
C GLY B 38 15.47 -27.91 6.25
N ASP B 39 16.03 -28.57 5.24
CA ASP B 39 15.58 -28.41 3.86
C ASP B 39 14.30 -29.15 3.51
N ILE B 40 13.72 -29.88 4.45
CA ILE B 40 12.44 -30.53 4.20
C ILE B 40 11.51 -30.40 5.36
N PHE B 41 10.41 -29.70 5.17
CA PHE B 41 9.35 -29.52 6.17
C PHE B 41 7.98 -29.66 5.53
N THR B 42 6.96 -29.80 6.36
CA THR B 42 5.57 -29.81 5.89
C THR B 42 4.76 -28.75 6.62
N PHE B 43 4.24 -27.80 5.86
CA PHE B 43 3.29 -26.84 6.42
C PHE B 43 1.91 -27.10 5.82
N ILE B 44 0.90 -26.53 6.48
CA ILE B 44 -0.48 -26.65 6.04
C ILE B 44 -0.87 -25.38 5.29
N LEU B 45 -1.38 -25.57 4.08
CA LEU B 45 -1.75 -24.47 3.20
C LEU B 45 -3.21 -24.64 2.79
N LEU B 46 -4.07 -23.78 3.32
CA LEU B 46 -5.50 -24.05 3.22
C LEU B 46 -5.73 -25.40 3.89
N GLY B 47 -6.30 -26.35 3.15
CA GLY B 47 -6.57 -27.66 3.70
C GLY B 47 -5.47 -28.69 3.57
N LYS B 48 -4.50 -28.47 2.67
CA LYS B 48 -3.58 -29.53 2.30
C LYS B 48 -2.26 -29.48 3.05
N LYS B 49 -1.78 -30.65 3.45
CA LYS B 49 -0.39 -30.83 3.87
C LYS B 49 0.50 -30.66 2.65
N THR B 50 1.47 -29.76 2.77
CA THR B 50 2.33 -29.40 1.63
C THR B 50 3.79 -29.46 2.04
N THR B 51 4.49 -30.49 1.55
CA THR B 51 5.89 -30.67 1.91
C THR B 51 6.84 -29.98 0.93
N VAL B 52 7.64 -29.08 1.49
CA VAL B 52 8.60 -28.29 0.73
C VAL B 52 9.97 -28.95 0.85
N TYR B 53 10.60 -29.16 -0.30
CA TYR B 53 11.96 -29.69 -0.34
C TYR B 53 12.88 -28.64 -0.98
N LEU B 54 13.74 -28.04 -0.16
CA LEU B 54 14.59 -26.95 -0.61
C LEU B 54 15.95 -27.43 -1.10
N GLY B 55 16.74 -26.47 -1.59
CA GLY B 55 18.05 -26.74 -2.19
C GLY B 55 17.95 -27.31 -3.59
N THR B 56 19.07 -27.36 -4.28
CA THR B 56 19.12 -27.92 -5.63
C THR B 56 18.62 -29.36 -5.66
N LYS B 57 18.96 -30.12 -4.62
CA LYS B 57 18.56 -31.52 -4.55
C LYS B 57 17.04 -31.61 -4.48
N GLY B 58 16.45 -30.66 -3.77
CA GLY B 58 14.99 -30.52 -3.71
C GLY B 58 14.33 -30.12 -5.02
N ASN B 59 14.96 -29.23 -5.76
CA ASN B 59 14.45 -28.85 -7.08
C ASN B 59 14.40 -30.10 -7.95
N ASP B 60 15.48 -30.87 -7.88
CA ASP B 60 15.69 -32.02 -8.74
C ASP B 60 14.67 -33.11 -8.43
N PHE B 61 14.52 -33.38 -7.14
CA PHE B 61 13.50 -34.29 -6.64
C PHE B 61 12.12 -34.05 -7.25
N ILE B 62 11.66 -32.80 -7.20
CA ILE B 62 10.29 -32.48 -7.57
C ILE B 62 10.15 -32.22 -9.07
N LEU B 63 11.05 -31.45 -9.65
CA LEU B 63 10.93 -31.08 -11.06
C LEU B 63 11.35 -32.21 -11.99
N ASN B 64 12.18 -33.13 -11.48
CA ASN B 64 12.55 -34.33 -12.22
C ASN B 64 11.91 -35.57 -11.62
N GLY B 65 10.89 -35.36 -10.79
CA GLY B 65 10.07 -36.45 -10.31
C GLY B 65 9.60 -37.29 -11.49
N LYS B 66 9.19 -38.51 -11.21
CA LYS B 66 8.71 -39.41 -12.26
C LYS B 66 7.21 -39.21 -12.46
N LEU B 67 6.75 -39.44 -13.68
CA LEU B 67 5.36 -39.20 -14.04
C LEU B 67 4.42 -40.00 -13.15
N ARG B 68 4.92 -41.15 -12.71
CA ARG B 68 4.25 -42.02 -11.75
C ARG B 68 4.11 -41.42 -10.36
N ASP B 69 5.11 -40.63 -9.93
CA ASP B 69 5.16 -40.16 -8.55
C ASP B 69 4.50 -38.80 -8.34
N VAL B 70 4.57 -37.94 -9.35
CA VAL B 70 4.11 -36.56 -9.21
C VAL B 70 3.22 -36.15 -10.39
N CYS B 71 2.13 -35.46 -10.06
CA CYS B 71 1.19 -34.99 -11.07
C CYS B 71 0.99 -33.48 -10.97
N ALA B 72 1.11 -32.79 -12.10
CA ALA B 72 0.95 -31.34 -12.14
C ALA B 72 -0.51 -30.97 -12.43
N GLU B 73 -1.11 -31.65 -13.41
CA GLU B 73 -2.40 -31.21 -13.94
C GLU B 73 -3.51 -31.41 -12.92
N GLU B 74 -3.33 -32.38 -12.03
CA GLU B 74 -4.26 -32.61 -10.94
C GLU B 74 -4.42 -31.36 -10.07
N VAL B 75 -3.29 -30.70 -9.82
CA VAL B 75 -3.26 -29.56 -8.91
C VAL B 75 -3.83 -28.31 -9.59
N TYR B 76 -3.53 -28.15 -10.88
CA TYR B 76 -3.78 -26.89 -11.57
C TYR B 76 -5.09 -26.81 -12.33
N SER B 77 -5.55 -27.95 -12.86
CA SER B 77 -6.70 -27.97 -13.76
C SER B 77 -7.97 -27.30 -13.26
N PRO B 78 -8.35 -27.52 -11.99
CA PRO B 78 -9.61 -26.91 -11.58
C PRO B 78 -9.61 -25.39 -11.76
N LEU B 79 -8.48 -24.76 -11.47
CA LEU B 79 -8.31 -23.32 -11.65
C LEU B 79 -8.08 -22.94 -13.11
N THR B 80 -7.20 -23.66 -13.81
CA THR B 80 -6.71 -23.21 -15.10
C THR B 80 -7.66 -23.53 -16.25
N THR B 81 -8.34 -24.67 -16.16
CA THR B 81 -9.15 -25.16 -17.27
C THR B 81 -10.28 -24.19 -17.64
N PRO B 82 -10.93 -23.58 -16.64
CA PRO B 82 -11.94 -22.56 -16.92
C PRO B 82 -11.39 -21.26 -17.51
N VAL B 83 -10.12 -20.99 -17.26
CA VAL B 83 -9.44 -19.84 -17.84
C VAL B 83 -8.99 -20.09 -19.27
N PHE B 84 -8.12 -21.08 -19.47
CA PHE B 84 -7.52 -21.32 -20.78
C PHE B 84 -8.55 -21.95 -21.73
N GLY B 85 -9.36 -22.85 -21.19
CA GLY B 85 -10.34 -23.58 -21.97
C GLY B 85 -10.09 -25.09 -21.98
N ARG B 86 -11.03 -25.85 -22.54
CA ARG B 86 -10.97 -27.30 -22.52
C ARG B 86 -9.86 -27.84 -23.43
N HIS B 87 -9.34 -28.98 -23.04
CA HIS B 87 -8.45 -29.79 -23.84
C HIS B 87 -7.05 -29.36 -24.09
N VAL B 88 -6.64 -28.30 -23.49
CA VAL B 88 -5.26 -27.82 -23.60
C VAL B 88 -4.66 -27.70 -22.22
N VAL B 89 -3.33 -27.69 -22.24
CA VAL B 89 -2.47 -27.55 -21.01
C VAL B 89 -2.89 -28.63 -20.05
N TYR B 90 -3.40 -28.23 -18.89
CA TYR B 90 -3.68 -29.20 -17.81
C TYR B 90 -5.05 -29.90 -17.96
N ASP B 91 -5.76 -29.71 -19.06
CA ASP B 91 -7.03 -30.41 -19.20
C ASP B 91 -6.87 -31.64 -20.10
N CYS B 92 -5.68 -32.24 -20.02
CA CYS B 92 -5.38 -33.41 -20.84
C CYS B 92 -4.27 -34.20 -20.15
N PRO B 93 -4.01 -35.43 -20.61
CA PRO B 93 -2.88 -36.10 -19.98
C PRO B 93 -1.55 -35.50 -20.44
N ASN B 94 -0.49 -35.78 -19.69
CA ASN B 94 0.81 -35.20 -19.95
C ASN B 94 1.24 -35.35 -21.41
N ALA B 95 1.06 -36.55 -21.96
CA ALA B 95 1.58 -36.84 -23.30
C ALA B 95 1.06 -35.82 -24.30
N LYS B 96 -0.21 -35.43 -24.12
CA LYS B 96 -0.81 -34.43 -25.00
C LYS B 96 -0.25 -33.04 -24.78
N LEU B 97 0.10 -32.73 -23.53
CA LEU B 97 0.77 -31.47 -23.21
C LEU B 97 2.14 -31.40 -23.88
N MET B 98 2.87 -32.50 -23.83
CA MET B 98 4.18 -32.59 -24.45
C MET B 98 4.07 -32.24 -25.93
N GLU B 99 3.06 -32.79 -26.59
CA GLU B 99 2.83 -32.47 -28.00
C GLU B 99 2.44 -31.02 -28.20
N GLN B 100 1.60 -30.49 -27.31
CA GLN B 100 1.22 -29.09 -27.37
C GLN B 100 2.42 -28.16 -27.18
N LYS B 101 3.33 -28.54 -26.29
CA LYS B 101 4.59 -27.82 -26.12
C LYS B 101 5.45 -27.87 -27.37
N LYS B 102 5.44 -29.02 -28.04
CA LYS B 102 6.14 -29.20 -29.30
C LYS B 102 5.59 -28.24 -30.35
N PHE B 103 4.27 -28.14 -30.44
CA PHE B 103 3.64 -27.27 -31.44
C PHE B 103 4.05 -25.81 -31.24
N VAL B 104 4.07 -25.35 -30.00
CA VAL B 104 4.36 -23.95 -29.73
C VAL B 104 5.84 -23.66 -29.97
N LYS B 105 6.69 -24.55 -29.50
CA LYS B 105 8.13 -24.45 -29.71
C LYS B 105 8.50 -24.40 -31.19
N TYR B 106 7.80 -25.17 -32.02
CA TYR B 106 7.97 -25.10 -33.46
C TYR B 106 7.56 -23.74 -34.02
N GLY B 107 6.66 -23.06 -33.30
CA GLY B 107 6.28 -21.70 -33.66
C GLY B 107 7.28 -20.66 -33.19
N LEU B 108 8.23 -21.08 -32.39
CA LEU B 108 9.20 -20.21 -31.80
C LEU B 108 10.62 -20.33 -32.22
N THR B 109 10.81 -20.62 -33.49
CA THR B 109 12.10 -20.74 -34.10
C THR B 109 12.83 -19.43 -34.27
N SER B 110 14.09 -19.54 -34.62
CA SER B 110 14.93 -18.35 -34.76
C SER B 110 14.34 -17.41 -35.81
N ASP B 111 13.75 -17.98 -36.86
CA ASP B 111 13.20 -17.18 -37.94
C ASP B 111 11.96 -16.41 -37.50
N ALA B 112 11.17 -17.04 -36.63
CA ALA B 112 9.99 -16.38 -36.07
C ALA B 112 10.42 -15.26 -35.13
N LEU B 113 11.32 -15.57 -34.20
CA LEU B 113 11.85 -14.57 -33.29
C LEU B 113 12.47 -13.40 -34.04
N ARG B 114 13.30 -13.75 -35.02
CA ARG B 114 13.91 -12.79 -35.94
C ARG B 114 12.85 -11.83 -36.48
N SER B 115 11.71 -12.36 -36.88
CA SER B 115 10.61 -11.56 -37.41
C SER B 115 9.91 -10.72 -36.36
N TYR B 116 10.08 -11.07 -35.09
CA TYR B 116 9.32 -10.42 -34.03
C TYR B 116 9.96 -9.11 -33.58
N VAL B 117 11.26 -8.95 -33.81
CA VAL B 117 11.99 -7.83 -33.23
C VAL B 117 11.52 -6.49 -33.76
N PRO B 118 11.42 -6.32 -35.08
CA PRO B 118 10.94 -5.02 -35.54
C PRO B 118 9.49 -4.75 -35.16
N LEU B 119 8.72 -5.81 -34.97
CA LEU B 119 7.31 -5.68 -34.59
C LEU B 119 7.21 -5.17 -33.16
N ILE B 120 8.03 -5.76 -32.29
CA ILE B 120 8.12 -5.34 -30.90
C ILE B 120 8.66 -3.92 -30.74
N THR B 121 9.71 -3.58 -31.47
CA THR B 121 10.29 -2.24 -31.37
C THR B 121 9.25 -1.23 -31.83
N ASP B 122 8.51 -1.59 -32.88
CA ASP B 122 7.54 -0.70 -33.48
C ASP B 122 6.36 -0.47 -32.52
N GLU B 123 6.00 -1.48 -31.74
CA GLU B 123 4.93 -1.32 -30.76
C GLU B 123 5.36 -0.45 -29.59
N VAL B 124 6.59 -0.63 -29.12
CA VAL B 124 7.10 0.20 -28.03
C VAL B 124 7.24 1.64 -28.46
N GLU B 125 7.74 1.87 -29.68
CA GLU B 125 7.88 3.22 -30.21
C GLU B 125 6.54 3.91 -30.44
N SER B 126 5.53 3.16 -30.89
CA SER B 126 4.20 3.72 -31.11
C SER B 126 3.54 4.06 -29.77
N PHE B 127 3.61 3.14 -28.83
CA PHE B 127 3.10 3.41 -27.48
C PHE B 127 3.69 4.70 -26.92
N VAL B 128 5.01 4.83 -26.96
CA VAL B 128 5.67 5.99 -26.38
C VAL B 128 5.21 7.26 -27.07
N LYS B 129 5.13 7.22 -28.40
CA LYS B 129 4.65 8.35 -29.19
C LYS B 129 3.20 8.69 -28.90
N ASN B 130 2.37 7.67 -28.70
CA ASN B 130 0.93 7.83 -28.76
C ASN B 130 0.19 7.75 -27.42
N SER B 131 0.73 6.98 -26.47
CA SER B 131 0.14 6.89 -25.14
C SER B 131 0.17 8.22 -24.40
N PRO B 132 -0.79 8.44 -23.46
CA PRO B 132 -0.62 9.55 -22.55
C PRO B 132 0.58 9.39 -21.62
N ALA B 133 1.01 8.16 -21.40
CA ALA B 133 1.89 7.83 -20.29
C ALA B 133 3.17 8.68 -20.26
N PHE B 134 3.78 8.89 -21.42
CA PHE B 134 5.11 9.49 -21.48
C PHE B 134 5.10 10.82 -22.22
N GLN B 135 3.92 11.42 -22.36
CA GLN B 135 3.85 12.70 -23.07
C GLN B 135 4.61 13.73 -22.24
N GLY B 136 5.50 14.47 -22.90
CA GLY B 136 6.24 15.53 -22.24
C GLY B 136 7.72 15.18 -22.12
N HIS B 137 8.55 16.19 -21.85
CA HIS B 137 9.98 15.96 -21.72
C HIS B 137 10.33 15.23 -20.43
N LYS B 138 9.51 15.38 -19.41
CA LYS B 138 9.77 14.76 -18.12
C LYS B 138 8.44 14.62 -17.39
N GLY B 139 8.34 13.63 -16.50
CA GLY B 139 7.07 13.37 -15.83
C GLY B 139 7.17 12.18 -14.91
N VAL B 140 6.02 11.72 -14.44
CA VAL B 140 5.92 10.47 -13.71
C VAL B 140 4.98 9.53 -14.45
N PHE B 141 5.17 8.22 -14.25
CA PHE B 141 4.27 7.23 -14.82
C PHE B 141 4.09 6.05 -13.87
N ASP B 142 2.92 5.46 -13.98
CA ASP B 142 2.51 4.26 -13.25
C ASP B 142 3.19 3.04 -13.89
N VAL B 143 4.14 2.44 -13.20
CA VAL B 143 5.04 1.50 -13.84
C VAL B 143 4.30 0.25 -14.29
N CYS B 144 3.57 -0.39 -13.39
CA CYS B 144 2.95 -1.68 -13.70
C CYS B 144 1.83 -1.53 -14.73
N LYS B 145 1.04 -0.47 -14.61
CA LYS B 145 -0.01 -0.23 -15.58
C LYS B 145 0.57 0.03 -16.96
N THR B 146 1.59 0.89 -17.02
CA THR B 146 2.22 1.23 -18.28
C THR B 146 2.92 0.02 -18.89
N ILE B 147 3.72 -0.66 -18.08
CA ILE B 147 4.45 -1.84 -18.55
C ILE B 147 3.53 -2.97 -18.97
N ALA B 148 2.45 -3.19 -18.23
CA ALA B 148 1.47 -4.21 -18.58
C ALA B 148 0.86 -3.95 -19.95
N GLU B 149 0.64 -2.69 -20.26
CA GLU B 149 0.17 -2.28 -21.55
C GLU B 149 1.19 -2.55 -22.65
N ILE B 150 2.44 -2.23 -22.39
CA ILE B 150 3.49 -2.43 -23.31
C ILE B 150 3.75 -3.89 -23.62
N THR B 151 3.75 -4.73 -22.62
CA THR B 151 3.93 -6.14 -22.79
C THR B 151 2.77 -6.77 -23.55
N ILE B 152 1.57 -6.36 -23.26
CA ILE B 152 0.43 -6.88 -23.93
C ILE B 152 0.40 -6.52 -25.42
N TYR B 153 0.76 -5.31 -25.78
CA TYR B 153 0.79 -4.89 -27.18
C TYR B 153 1.88 -5.61 -27.96
N THR B 154 3.03 -5.77 -27.33
CA THR B 154 4.19 -6.33 -28.03
C THR B 154 4.03 -7.84 -28.23
N ALA B 155 3.56 -8.54 -27.21
CA ALA B 155 3.36 -9.98 -27.33
C ALA B 155 2.19 -10.32 -28.27
N SER B 156 1.15 -9.50 -28.25
CA SER B 156 -0.02 -9.77 -29.09
C SER B 156 0.27 -9.46 -30.55
N ARG B 157 1.03 -8.40 -30.79
CA ARG B 157 1.43 -8.05 -32.15
C ARG B 157 2.31 -9.11 -32.79
N SER B 158 3.27 -9.63 -32.02
CA SER B 158 4.22 -10.59 -32.58
C SER B 158 3.63 -11.99 -32.62
N LEU B 159 3.25 -12.49 -31.44
CA LEU B 159 2.90 -13.89 -31.23
C LEU B 159 1.44 -14.19 -31.58
N GLN B 160 0.54 -13.31 -31.16
CA GLN B 160 -0.90 -13.53 -31.38
C GLN B 160 -1.30 -13.10 -32.79
N GLY B 161 -0.67 -12.05 -33.30
CA GLY B 161 -0.97 -11.55 -34.64
C GLY B 161 -1.82 -10.31 -34.78
N LYS B 162 -1.82 -9.80 -36.00
CA LYS B 162 -2.48 -8.55 -36.40
C LYS B 162 -3.90 -8.40 -35.86
N GLU B 163 -4.71 -9.46 -35.97
CA GLU B 163 -6.13 -9.36 -35.63
C GLU B 163 -6.31 -9.21 -34.13
N VAL B 164 -5.60 -10.05 -33.38
CA VAL B 164 -5.60 -9.96 -31.92
C VAL B 164 -5.10 -8.61 -31.42
N ARG B 165 -3.95 -8.17 -31.93
CA ARG B 165 -3.40 -6.88 -31.56
C ARG B 165 -4.45 -5.80 -31.80
N SER B 166 -5.10 -5.89 -32.95
CA SER B 166 -6.12 -4.93 -33.33
C SER B 166 -7.31 -4.96 -32.38
N LYS B 167 -7.65 -6.15 -31.89
CA LYS B 167 -8.79 -6.28 -30.98
C LYS B 167 -8.52 -5.66 -29.60
N PHE B 168 -7.26 -5.40 -29.29
CA PHE B 168 -6.93 -4.83 -28.00
C PHE B 168 -7.26 -3.34 -27.95
N ASP B 169 -7.63 -2.80 -29.11
CA ASP B 169 -8.06 -1.41 -29.21
C ASP B 169 -9.53 -1.24 -28.89
N SER B 170 -10.24 -2.35 -28.70
CA SER B 170 -11.67 -2.29 -28.43
C SER B 170 -12.12 -3.27 -27.35
N THR B 171 -12.07 -4.54 -27.70
CA THR B 171 -12.86 -5.59 -27.06
C THR B 171 -11.97 -6.35 -26.06
N PHE B 172 -10.72 -6.56 -26.44
CA PHE B 172 -9.91 -7.59 -25.82
C PHE B 172 -9.38 -7.19 -24.45
N ALA B 173 -9.31 -5.89 -24.18
CA ALA B 173 -8.83 -5.44 -22.88
C ALA B 173 -9.78 -5.85 -21.76
N GLU B 174 -11.06 -5.60 -21.94
CA GLU B 174 -12.08 -5.97 -20.98
C GLU B 174 -12.23 -7.47 -20.87
N LEU B 175 -12.19 -8.16 -22.00
CA LEU B 175 -12.30 -9.62 -22.04
C LEU B 175 -11.16 -10.22 -21.23
N TYR B 176 -9.96 -9.75 -21.46
CA TYR B 176 -8.82 -10.23 -20.78
C TYR B 176 -8.80 -9.95 -19.32
N HIS B 177 -9.21 -8.76 -18.95
CA HIS B 177 -9.27 -8.37 -17.55
C HIS B 177 -10.26 -9.25 -16.80
N ASN B 178 -11.36 -9.57 -17.46
CA ASN B 178 -12.38 -10.41 -16.85
C ASN B 178 -11.90 -11.85 -16.72
N LEU B 179 -11.24 -12.36 -17.76
CA LEU B 179 -10.65 -13.68 -17.71
C LEU B 179 -9.64 -13.80 -16.58
N ASP B 180 -8.90 -12.73 -16.31
CA ASP B 180 -7.82 -12.79 -15.33
C ASP B 180 -8.36 -12.90 -13.91
N MET B 181 -9.65 -12.67 -13.75
CA MET B 181 -10.33 -12.89 -12.47
C MET B 181 -10.37 -14.35 -12.07
N GLY B 182 -10.21 -15.24 -13.05
CA GLY B 182 -10.09 -16.68 -12.78
C GLY B 182 -8.92 -17.03 -11.88
N PHE B 183 -7.99 -16.09 -11.73
CA PHE B 183 -6.79 -16.30 -10.94
C PHE B 183 -6.92 -15.71 -9.54
N ALA B 184 -8.12 -15.28 -9.19
CA ALA B 184 -8.38 -14.72 -7.87
C ALA B 184 -8.05 -15.79 -6.82
N PRO B 185 -7.42 -15.37 -5.72
CA PRO B 185 -6.99 -16.30 -4.67
C PRO B 185 -8.11 -17.23 -4.22
N ILE B 186 -9.34 -16.72 -4.22
CA ILE B 186 -10.48 -17.54 -3.81
C ILE B 186 -10.68 -18.75 -4.70
N ASN B 187 -10.21 -18.68 -5.94
CA ASN B 187 -10.35 -19.79 -6.88
C ASN B 187 -9.34 -20.90 -6.64
N PHE B 188 -8.59 -20.79 -5.56
CA PHE B 188 -7.71 -21.86 -5.16
C PHE B 188 -8.49 -22.87 -4.32
N MET B 189 -9.69 -22.50 -3.89
CA MET B 189 -10.58 -23.43 -3.20
C MET B 189 -11.88 -23.63 -3.97
N LEU B 190 -12.41 -22.56 -4.51
CA LEU B 190 -13.69 -22.65 -5.20
C LEU B 190 -13.68 -22.10 -6.61
N PRO B 191 -12.95 -22.75 -7.52
CA PRO B 191 -12.87 -22.30 -8.90
C PRO B 191 -14.18 -22.60 -9.61
N TRP B 192 -14.91 -23.56 -9.04
CA TRP B 192 -16.13 -24.07 -9.63
C TRP B 192 -17.39 -23.34 -9.20
N ALA B 193 -17.26 -22.37 -8.29
CA ALA B 193 -18.41 -21.69 -7.71
C ALA B 193 -18.89 -20.51 -8.55
N PRO B 194 -20.20 -20.33 -8.70
CA PRO B 194 -20.73 -19.25 -9.52
C PRO B 194 -20.81 -17.89 -8.85
N LEU B 195 -19.71 -17.48 -8.21
CA LEU B 195 -19.50 -16.09 -7.79
C LEU B 195 -19.43 -15.17 -9.01
N PRO B 196 -19.79 -13.89 -8.82
CA PRO B 196 -19.83 -13.00 -9.98
C PRO B 196 -18.54 -12.95 -10.79
N HIS B 197 -17.38 -13.05 -10.14
CA HIS B 197 -16.12 -12.96 -10.88
C HIS B 197 -15.90 -14.21 -11.74
N ASN B 198 -16.35 -15.36 -11.22
CA ASN B 198 -16.28 -16.60 -11.98
C ASN B 198 -17.31 -16.64 -13.11
N ARG B 199 -18.40 -15.89 -12.98
CA ARG B 199 -19.38 -15.83 -14.06
C ARG B 199 -18.88 -14.92 -15.17
N LYS B 200 -18.14 -13.88 -14.80
CA LYS B 200 -17.50 -13.02 -15.79
C LYS B 200 -16.31 -13.71 -16.46
N ARG B 201 -15.52 -14.44 -15.67
CA ARG B 201 -14.51 -15.33 -16.23
C ARG B 201 -15.08 -16.22 -17.34
N ASP B 202 -16.19 -16.88 -17.06
CA ASP B 202 -16.75 -17.85 -17.98
C ASP B 202 -17.20 -17.16 -19.27
N ALA B 203 -17.90 -16.04 -19.12
CA ALA B 203 -18.32 -15.25 -20.26
C ALA B 203 -17.14 -14.75 -21.09
N ALA B 204 -16.05 -14.38 -20.44
CA ALA B 204 -14.86 -13.91 -21.16
C ALA B 204 -14.23 -15.05 -21.94
N GLN B 205 -14.07 -16.18 -21.26
CA GLN B 205 -13.58 -17.41 -21.89
C GLN B 205 -14.30 -17.72 -23.19
N ARG B 206 -15.63 -17.66 -23.20
CA ARG B 206 -16.40 -18.09 -24.37
C ARG B 206 -16.25 -17.07 -25.50
N LYS B 207 -16.43 -15.80 -25.18
CA LYS B 207 -16.29 -14.73 -26.15
C LYS B 207 -14.92 -14.67 -26.80
N LEU B 208 -13.87 -14.90 -26.02
CA LEU B 208 -12.50 -14.91 -26.54
C LEU B 208 -12.33 -16.07 -27.52
N THR B 209 -12.75 -17.24 -27.06
CA THR B 209 -12.68 -18.45 -27.87
C THR B 209 -13.38 -18.23 -29.20
N GLU B 210 -14.54 -17.57 -29.14
CA GLU B 210 -15.37 -17.36 -30.31
C GLU B 210 -14.70 -16.42 -31.30
N THR B 211 -13.99 -15.43 -30.76
CA THR B 211 -13.28 -14.46 -31.58
C THR B 211 -12.08 -15.09 -32.26
N TYR B 212 -11.25 -15.80 -31.52
CA TYR B 212 -10.12 -16.51 -32.09
C TYR B 212 -10.57 -17.44 -33.23
N MET B 213 -11.68 -18.14 -33.01
CA MET B 213 -12.18 -19.07 -34.02
C MET B 213 -12.69 -18.33 -35.25
N GLU B 214 -13.30 -17.16 -35.05
CA GLU B 214 -13.65 -16.30 -36.17
C GLU B 214 -12.43 -15.81 -36.94
N ILE B 215 -11.33 -15.52 -36.24
CA ILE B 215 -10.10 -15.08 -36.88
C ILE B 215 -9.48 -16.17 -37.74
N ILE B 216 -9.41 -17.38 -37.18
CA ILE B 216 -8.95 -18.56 -37.91
C ILE B 216 -9.77 -18.88 -39.15
N LYS B 217 -11.09 -18.96 -38.98
CA LYS B 217 -12.01 -19.17 -40.09
C LYS B 217 -11.79 -18.14 -41.19
N ALA B 218 -11.67 -16.88 -40.80
CA ALA B 218 -11.46 -15.80 -41.75
C ALA B 218 -10.16 -16.00 -42.52
N ARG B 219 -9.18 -16.64 -41.89
CA ARG B 219 -7.92 -16.91 -42.55
C ARG B 219 -8.02 -18.08 -43.55
N ARG B 220 -8.81 -19.09 -43.23
CA ARG B 220 -8.95 -20.21 -44.15
C ARG B 220 -9.58 -19.77 -45.46
N GLN B 221 -10.56 -18.88 -45.38
CA GLN B 221 -11.24 -18.38 -46.58
C GLN B 221 -10.25 -17.64 -47.48
N ALA B 222 -9.41 -16.81 -46.86
CA ALA B 222 -8.29 -16.11 -47.51
C ALA B 222 -7.17 -17.08 -47.91
N GLY B 223 -6.88 -18.02 -47.01
CA GLY B 223 -5.87 -19.05 -47.20
C GLY B 223 -4.37 -18.84 -47.43
N SER B 224 -3.73 -17.90 -46.73
CA SER B 224 -2.27 -17.72 -46.93
C SER B 224 -1.47 -17.19 -45.70
N LYS B 225 -0.17 -17.48 -45.65
CA LYS B 225 0.68 -16.98 -44.60
C LYS B 225 1.08 -15.54 -44.85
N LYS B 226 1.14 -14.76 -43.82
CA LYS B 226 1.37 -13.33 -43.89
C LYS B 226 2.59 -12.93 -43.05
N ASP B 227 3.06 -13.86 -42.24
CA ASP B 227 3.93 -13.56 -41.10
C ASP B 227 4.19 -14.81 -40.27
N SER B 228 4.90 -14.64 -39.15
CA SER B 228 5.29 -15.79 -38.32
C SER B 228 4.60 -15.92 -36.97
N GLU B 229 3.34 -15.50 -36.87
CA GLU B 229 2.59 -15.67 -35.63
C GLU B 229 2.36 -17.14 -35.27
N ASP B 230 1.99 -17.38 -34.01
CA ASP B 230 1.74 -18.73 -33.54
C ASP B 230 0.44 -19.27 -34.12
N MET B 231 -0.44 -18.38 -34.54
CA MET B 231 -1.69 -18.77 -35.19
C MET B 231 -1.46 -19.46 -36.52
N VAL B 232 -0.82 -18.75 -37.44
CA VAL B 232 -0.62 -19.32 -38.76
C VAL B 232 0.11 -20.60 -38.49
N TRP B 233 0.94 -20.59 -37.49
CA TRP B 233 1.68 -21.80 -37.17
C TRP B 233 0.83 -22.96 -36.66
N ASN B 234 -0.02 -22.69 -35.68
CA ASN B 234 -0.82 -23.73 -35.03
C ASN B 234 -1.82 -24.31 -36.03
N LEU B 235 -2.24 -23.43 -36.94
CA LEU B 235 -3.16 -23.79 -38.01
C LEU B 235 -2.59 -24.90 -38.88
N MET B 236 -1.28 -24.80 -39.16
CA MET B 236 -0.53 -25.76 -39.97
C MET B 236 0.20 -26.81 -39.13
N SER B 237 0.77 -26.38 -37.99
CA SER B 237 1.41 -27.28 -37.04
C SER B 237 0.17 -27.67 -36.29
N CYS B 238 -0.64 -28.45 -36.98
CA CYS B 238 -1.98 -28.81 -36.55
C CYS B 238 -1.85 -30.27 -36.12
N VAL B 239 -0.92 -31.00 -36.71
CA VAL B 239 -1.06 -32.45 -36.64
C VAL B 239 -0.41 -33.14 -35.44
N TYR B 240 -1.26 -33.72 -34.61
CA TYR B 240 -0.83 -34.67 -33.60
C TYR B 240 -0.22 -35.90 -34.27
N LYS B 241 0.53 -36.69 -33.52
CA LYS B 241 1.20 -37.87 -34.06
C LYS B 241 0.21 -38.87 -34.65
N ASN B 242 -0.95 -38.99 -34.02
CA ASN B 242 -1.99 -39.92 -34.48
C ASN B 242 -2.63 -39.43 -35.78
N GLY B 243 -2.18 -38.29 -36.29
CA GLY B 243 -2.64 -37.79 -37.58
C GLY B 243 -3.75 -36.76 -37.58
N THR B 244 -4.28 -36.43 -36.41
CA THR B 244 -5.29 -35.39 -36.29
C THR B 244 -4.71 -33.98 -36.43
N PRO B 245 -5.33 -33.13 -37.26
CA PRO B 245 -5.00 -31.71 -37.15
C PRO B 245 -5.54 -31.09 -35.87
N VAL B 246 -4.77 -30.21 -35.25
CA VAL B 246 -5.24 -29.49 -34.08
C VAL B 246 -6.48 -28.69 -34.49
N PRO B 247 -7.61 -28.97 -33.82
CA PRO B 247 -8.84 -28.28 -34.18
C PRO B 247 -8.80 -26.82 -33.72
N ASP B 248 -9.54 -25.98 -34.43
CA ASP B 248 -9.59 -24.54 -34.17
C ASP B 248 -9.84 -24.18 -32.70
N GLU B 249 -10.63 -25.00 -32.02
CA GLU B 249 -10.98 -24.73 -30.63
C GLU B 249 -9.78 -24.89 -29.70
N GLU B 250 -8.96 -25.90 -29.98
CA GLU B 250 -7.71 -26.09 -29.25
C GLU B 250 -6.72 -24.97 -29.55
N ILE B 251 -6.64 -24.59 -30.82
CA ILE B 251 -5.80 -23.48 -31.25
C ILE B 251 -6.18 -22.23 -30.46
N ALA B 252 -7.48 -21.95 -30.42
CA ALA B 252 -7.99 -20.82 -29.65
C ALA B 252 -7.55 -20.86 -28.19
N HIS B 253 -7.66 -22.02 -27.55
CA HIS B 253 -7.40 -22.12 -26.12
C HIS B 253 -5.91 -22.05 -25.81
N MET B 254 -5.11 -22.56 -26.74
CA MET B 254 -3.66 -22.48 -26.64
C MET B 254 -3.25 -21.02 -26.73
N MET B 255 -3.81 -20.31 -27.69
CA MET B 255 -3.57 -18.88 -27.84
C MET B 255 -3.92 -18.12 -26.56
N ILE B 256 -5.07 -18.44 -25.98
CA ILE B 256 -5.48 -17.82 -24.72
C ILE B 256 -4.48 -18.10 -23.61
N ALA B 257 -3.99 -19.34 -23.53
CA ALA B 257 -3.04 -19.71 -22.48
C ALA B 257 -1.73 -18.96 -22.61
N LEU B 258 -1.27 -18.79 -23.85
CA LEU B 258 0.02 -18.14 -24.09
C LEU B 258 -0.07 -16.64 -23.79
N LEU B 259 -1.16 -16.01 -24.22
CA LEU B 259 -1.48 -14.66 -23.79
C LEU B 259 -1.29 -14.51 -22.28
N MET B 260 -1.98 -15.35 -21.52
CA MET B 260 -1.92 -15.31 -20.06
C MET B 260 -0.49 -15.53 -19.53
N ALA B 261 0.18 -16.53 -20.08
CA ALA B 261 1.52 -16.88 -19.62
C ALA B 261 2.48 -15.70 -19.79
N GLY B 262 2.53 -15.19 -21.02
CA GLY B 262 3.36 -14.02 -21.33
C GLY B 262 2.95 -12.80 -20.52
N GLN B 263 1.66 -12.51 -20.50
CA GLN B 263 1.21 -11.29 -19.85
C GLN B 263 1.59 -11.29 -18.37
N HIS B 264 1.42 -12.42 -17.69
CA HIS B 264 1.67 -12.48 -16.26
C HIS B 264 3.15 -12.32 -15.95
N SER B 265 3.93 -13.30 -16.41
CA SER B 265 5.36 -13.38 -16.16
C SER B 265 6.14 -12.17 -16.65
N SER B 266 5.92 -11.80 -17.91
CA SER B 266 6.71 -10.75 -18.56
C SER B 266 6.40 -9.35 -18.03
N SER B 267 5.15 -9.08 -17.70
CA SER B 267 4.79 -7.73 -17.25
C SER B 267 5.35 -7.43 -15.87
N SER B 268 5.41 -8.42 -14.99
CA SER B 268 6.00 -8.19 -13.67
C SER B 268 7.51 -8.03 -13.80
N THR B 269 8.13 -8.90 -14.58
CA THR B 269 9.58 -8.88 -14.74
C THR B 269 10.02 -7.54 -15.32
N ALA B 270 9.35 -7.12 -16.39
CA ALA B 270 9.67 -5.86 -17.03
C ALA B 270 9.47 -4.69 -16.07
N SER B 271 8.41 -4.77 -15.26
CA SER B 271 8.17 -3.79 -14.21
C SER B 271 9.32 -3.69 -13.23
N TRP B 272 9.78 -4.84 -12.73
CA TRP B 272 10.91 -4.89 -11.82
C TRP B 272 12.19 -4.35 -12.45
N ILE B 273 12.37 -4.61 -13.75
CA ILE B 273 13.50 -4.04 -14.47
C ILE B 273 13.44 -2.51 -14.41
N VAL B 274 12.27 -1.95 -14.69
CA VAL B 274 12.11 -0.51 -14.69
C VAL B 274 12.36 0.07 -13.30
N LEU B 275 11.81 -0.60 -12.30
CA LEU B 275 11.91 -0.16 -10.91
C LEU B 275 13.35 -0.22 -10.40
N ARG B 276 14.05 -1.29 -10.75
CA ARG B 276 15.44 -1.46 -10.37
C ARG B 276 16.32 -0.39 -11.00
N LEU B 277 16.10 -0.15 -12.28
CA LEU B 277 16.87 0.85 -13.02
C LEU B 277 16.68 2.25 -12.46
N ALA B 278 15.47 2.54 -11.97
CA ALA B 278 15.21 3.82 -11.33
C ALA B 278 16.03 3.98 -10.06
N THR B 279 16.27 2.87 -9.36
CA THR B 279 17.13 2.88 -8.19
C THR B 279 18.60 2.90 -8.59
N ARG B 280 18.91 2.59 -9.85
CA ARG B 280 20.29 2.45 -10.28
C ARG B 280 20.60 3.19 -11.57
N PRO B 281 20.60 4.53 -11.50
CA PRO B 281 20.92 5.38 -12.64
C PRO B 281 22.26 5.02 -13.26
N ASP B 282 23.21 4.56 -12.45
CA ASP B 282 24.53 4.19 -12.95
C ASP B 282 24.45 3.02 -13.93
N ILE B 283 23.65 2.02 -13.57
CA ILE B 283 23.42 0.88 -14.44
C ILE B 283 22.71 1.31 -15.72
N MET B 284 21.70 2.15 -15.57
CA MET B 284 20.96 2.64 -16.73
C MET B 284 21.89 3.33 -17.73
N GLU B 285 22.80 4.13 -17.21
CA GLU B 285 23.71 4.88 -18.07
C GLU B 285 24.69 3.92 -18.74
N GLU B 286 25.17 2.97 -17.92
CA GLU B 286 25.97 1.87 -18.45
C GLU B 286 25.28 1.12 -19.57
N LEU B 287 23.98 0.86 -19.45
CA LEU B 287 23.26 0.20 -20.53
C LEU B 287 23.27 1.06 -21.79
N TYR B 288 22.99 2.35 -21.60
CA TYR B 288 23.01 3.29 -22.72
C TYR B 288 24.38 3.32 -23.38
N GLN B 289 25.43 3.38 -22.56
CA GLN B 289 26.80 3.42 -23.06
C GLN B 289 27.16 2.12 -23.78
N GLU B 290 26.60 1.01 -23.30
CA GLU B 290 26.78 -0.27 -23.97
C GLU B 290 26.26 -0.22 -25.40
N GLN B 291 25.08 0.37 -25.59
CA GLN B 291 24.49 0.42 -26.92
C GLN B 291 25.32 1.29 -27.86
N ILE B 292 25.83 2.40 -27.33
CA ILE B 292 26.64 3.32 -28.13
C ILE B 292 27.87 2.59 -28.62
N ARG B 293 28.58 1.97 -27.67
CA ARG B 293 29.86 1.31 -27.94
C ARG B 293 29.69 0.14 -28.90
N VAL B 294 28.72 -0.71 -28.59
CA VAL B 294 28.57 -2.01 -29.24
C VAL B 294 27.82 -1.92 -30.57
N LEU B 295 26.97 -0.92 -30.73
CA LEU B 295 26.16 -0.81 -31.93
C LEU B 295 26.47 0.45 -32.74
N GLY B 296 27.23 1.36 -32.15
CA GLY B 296 27.53 2.64 -32.79
C GLY B 296 26.88 3.84 -32.14
N SER B 297 27.57 4.97 -32.22
CA SER B 297 27.05 6.27 -31.81
C SER B 297 25.73 6.60 -32.49
N ASP B 298 25.52 6.03 -33.67
CA ASP B 298 24.35 6.28 -34.48
C ASP B 298 23.08 5.61 -33.98
N LEU B 299 23.22 4.63 -33.11
CA LEU B 299 22.09 3.89 -32.57
C LEU B 299 21.15 3.29 -33.64
N PRO B 300 21.69 2.40 -34.46
CA PRO B 300 20.95 1.72 -35.51
C PRO B 300 19.84 0.85 -34.96
N PRO B 301 18.80 0.59 -35.78
CA PRO B 301 17.67 -0.21 -35.34
C PRO B 301 18.09 -1.52 -34.68
N LEU B 302 17.35 -1.90 -33.64
CA LEU B 302 17.60 -3.16 -32.96
C LEU B 302 17.16 -4.31 -33.87
N THR B 303 18.02 -5.33 -33.92
CA THR B 303 17.76 -6.53 -34.71
C THR B 303 18.00 -7.74 -33.81
N TYR B 304 17.42 -8.86 -34.22
CA TYR B 304 17.73 -10.15 -33.60
C TYR B 304 19.23 -10.36 -33.45
N ASP B 305 19.99 -9.94 -34.45
CA ASP B 305 21.44 -10.11 -34.44
C ASP B 305 22.15 -9.14 -33.50
N ASN B 306 21.84 -7.85 -33.62
CA ASN B 306 22.59 -6.86 -32.84
C ASN B 306 22.15 -6.84 -31.38
N LEU B 307 20.99 -7.40 -31.07
CA LEU B 307 20.53 -7.50 -29.69
C LEU B 307 21.44 -8.42 -28.88
N GLN B 308 21.96 -9.44 -29.55
CA GLN B 308 22.77 -10.46 -28.90
C GLN B 308 24.12 -9.91 -28.41
N LYS B 309 24.48 -8.73 -28.89
CA LYS B 309 25.71 -8.07 -28.43
C LYS B 309 25.48 -7.31 -27.14
N LEU B 310 24.22 -7.24 -26.69
CA LEU B 310 23.88 -6.41 -25.54
C LEU B 310 24.04 -7.18 -24.24
N ASP B 311 25.30 -7.44 -23.88
CA ASP B 311 25.63 -8.38 -22.82
C ASP B 311 25.06 -7.93 -21.48
N LEU B 312 25.20 -6.65 -21.15
CA LEU B 312 24.75 -6.14 -19.86
C LEU B 312 23.23 -6.01 -19.82
N HIS B 313 22.60 -5.70 -20.95
CA HIS B 313 21.15 -5.81 -21.05
C HIS B 313 20.70 -7.21 -20.65
N ALA B 314 21.36 -8.23 -21.21
CA ALA B 314 21.05 -9.60 -20.85
C ALA B 314 21.25 -9.88 -19.36
N LYS B 315 22.28 -9.28 -18.77
CA LYS B 315 22.56 -9.48 -17.35
C LYS B 315 21.59 -8.77 -16.42
N VAL B 316 21.04 -7.65 -16.87
CA VAL B 316 20.06 -6.91 -16.08
C VAL B 316 18.80 -7.76 -15.99
N ILE B 317 18.45 -8.40 -17.10
CA ILE B 317 17.36 -9.36 -17.13
C ILE B 317 17.61 -10.54 -16.19
N LYS B 318 18.78 -11.17 -16.31
CA LYS B 318 19.09 -12.33 -15.48
C LYS B 318 18.98 -11.99 -14.00
N GLU B 319 19.62 -10.88 -13.64
CA GLU B 319 19.74 -10.48 -12.24
C GLU B 319 18.37 -10.12 -11.66
N THR B 320 17.49 -9.57 -12.50
CA THR B 320 16.13 -9.26 -12.07
C THR B 320 15.37 -10.56 -11.85
N LEU B 321 15.56 -11.51 -12.76
CA LEU B 321 14.90 -12.81 -12.64
C LEU B 321 15.38 -13.57 -11.41
N ARG B 322 16.64 -13.40 -11.02
CA ARG B 322 17.18 -14.11 -9.87
C ARG B 322 16.50 -13.66 -8.58
N LEU B 323 16.15 -12.38 -8.51
CA LEU B 323 15.58 -11.82 -7.28
C LEU B 323 14.06 -11.67 -7.35
N HIS B 324 13.52 -11.64 -8.56
CA HIS B 324 12.13 -11.24 -8.75
C HIS B 324 11.28 -12.17 -9.63
N ALA B 325 11.79 -13.34 -9.99
CA ALA B 325 11.03 -14.21 -10.88
C ALA B 325 9.62 -14.41 -10.34
N PRO B 326 8.62 -14.36 -11.23
CA PRO B 326 7.22 -14.22 -10.81
C PRO B 326 6.60 -15.49 -10.24
N ILE B 327 7.17 -16.64 -10.59
CA ILE B 327 6.72 -17.91 -10.01
C ILE B 327 7.62 -18.34 -8.85
N HIS B 328 7.10 -18.25 -7.63
CA HIS B 328 7.89 -18.56 -6.46
C HIS B 328 7.72 -20.00 -5.98
N SER B 329 6.69 -20.67 -6.49
CA SER B 329 6.26 -21.95 -5.95
C SER B 329 5.75 -22.87 -7.05
N ILE B 330 6.45 -23.99 -7.23
CA ILE B 330 6.03 -25.01 -8.18
C ILE B 330 5.49 -26.20 -7.38
N ILE B 331 4.21 -26.45 -7.54
CA ILE B 331 3.51 -27.46 -6.77
C ILE B 331 3.05 -28.67 -7.55
N ARG B 332 3.20 -29.83 -6.95
CA ARG B 332 2.78 -31.07 -7.59
C ARG B 332 1.98 -31.94 -6.62
N ALA B 333 1.09 -32.75 -7.17
CA ALA B 333 0.37 -33.75 -6.40
C ALA B 333 1.16 -35.05 -6.29
N VAL B 334 1.31 -35.55 -5.08
CA VAL B 334 1.93 -36.85 -4.86
C VAL B 334 0.91 -37.97 -5.09
N LYS B 335 1.21 -38.76 -6.11
CA LYS B 335 0.43 -39.85 -6.64
C LYS B 335 0.82 -41.24 -6.15
N ASN B 336 2.08 -41.41 -5.82
CA ASN B 336 2.63 -42.64 -5.24
C ASN B 336 3.62 -42.28 -4.13
N PRO B 337 3.58 -42.99 -3.00
CA PRO B 337 4.47 -42.56 -1.93
C PRO B 337 5.93 -42.59 -2.34
N MET B 338 6.70 -41.61 -1.89
CA MET B 338 8.08 -41.45 -2.32
C MET B 338 8.99 -41.08 -1.14
N ALA B 339 10.07 -41.83 -0.98
CA ALA B 339 11.02 -41.56 0.08
C ALA B 339 12.20 -40.76 -0.46
N VAL B 340 12.61 -39.74 0.29
CA VAL B 340 13.77 -38.95 -0.06
C VAL B 340 15.04 -39.69 0.35
N ASP B 341 15.66 -40.34 -0.62
CA ASP B 341 16.77 -41.24 -0.34
C ASP B 341 17.88 -40.53 0.45
N GLY B 342 18.60 -41.29 1.26
CA GLY B 342 19.55 -40.71 2.19
C GLY B 342 18.92 -40.06 3.41
N THR B 343 17.69 -40.41 3.66
CA THR B 343 16.94 -39.88 4.78
C THR B 343 15.89 -40.85 5.28
N SER B 344 15.40 -40.68 6.51
CA SER B 344 14.31 -41.48 7.04
C SER B 344 12.97 -41.11 6.43
N TYR B 345 12.90 -39.90 5.88
CA TYR B 345 11.64 -39.29 5.48
C TYR B 345 11.00 -39.98 4.27
N VAL B 346 9.69 -40.22 4.35
CA VAL B 346 8.89 -40.63 3.20
C VAL B 346 7.70 -39.69 3.05
N ILE B 347 7.26 -39.46 1.81
CA ILE B 347 6.15 -38.55 1.55
C ILE B 347 4.92 -39.29 1.02
N PRO B 348 3.80 -39.21 1.76
CA PRO B 348 2.58 -39.91 1.38
C PRO B 348 1.79 -39.22 0.27
N THR B 349 0.76 -39.92 -0.21
CA THR B 349 -0.05 -39.44 -1.33
C THR B 349 -1.12 -38.46 -0.88
N SER B 350 -1.21 -38.20 0.42
CA SER B 350 -2.12 -37.19 0.94
C SER B 350 -1.48 -35.81 0.84
N HIS B 351 -0.21 -35.78 0.50
CA HIS B 351 0.54 -34.57 0.39
C HIS B 351 0.67 -34.02 -1.01
N ASN B 352 1.05 -32.77 -1.03
CA ASN B 352 1.46 -32.07 -2.21
C ASN B 352 2.91 -31.69 -1.92
N VAL B 353 3.73 -31.71 -2.96
CA VAL B 353 5.12 -31.27 -2.85
C VAL B 353 5.31 -29.90 -3.49
N LEU B 354 6.16 -29.08 -2.88
CA LEU B 354 6.44 -27.73 -3.35
C LEU B 354 7.93 -27.52 -3.53
N SER B 355 8.30 -27.08 -4.73
CA SER B 355 9.65 -26.75 -5.12
C SER B 355 9.76 -25.25 -5.28
N SER B 356 10.83 -24.66 -4.81
CA SER B 356 11.05 -23.23 -4.94
C SER B 356 12.40 -22.85 -5.46
N PRO B 357 12.53 -22.67 -6.76
CA PRO B 357 13.82 -22.39 -7.37
C PRO B 357 14.35 -21.00 -7.01
N GLY B 358 13.45 -20.15 -6.53
CA GLY B 358 13.83 -18.78 -6.15
C GLY B 358 14.56 -18.73 -4.82
N VAL B 359 14.47 -19.81 -4.05
CA VAL B 359 15.15 -19.91 -2.75
C VAL B 359 16.65 -20.05 -2.94
N THR B 360 17.06 -21.03 -3.74
CA THR B 360 18.46 -21.21 -4.05
C THR B 360 19.02 -19.96 -4.72
N ALA B 361 18.20 -19.33 -5.55
CA ALA B 361 18.58 -18.11 -6.26
C ALA B 361 18.92 -16.96 -5.34
N ARG B 362 18.38 -16.96 -4.12
CA ARG B 362 18.71 -15.92 -3.14
C ARG B 362 19.35 -16.47 -1.87
N SER B 363 20.07 -17.58 -2.00
CA SER B 363 20.85 -18.16 -0.90
C SER B 363 22.29 -17.67 -0.91
N GLU B 364 22.86 -17.52 0.28
CA GLU B 364 24.24 -17.06 0.44
C GLU B 364 25.25 -18.05 -0.13
N GLU B 365 24.94 -19.34 -0.03
CA GLU B 365 25.87 -20.38 -0.46
C GLU B 365 26.12 -20.29 -1.96
N HIS B 366 25.06 -19.99 -2.70
CA HIS B 366 25.11 -19.97 -4.15
C HIS B 366 25.38 -18.56 -4.67
N PHE B 367 24.90 -17.57 -3.92
CA PHE B 367 25.08 -16.18 -4.31
C PHE B 367 25.50 -15.28 -3.15
N PRO B 368 26.77 -14.87 -3.13
CA PRO B 368 27.22 -13.96 -2.09
C PRO B 368 26.44 -12.65 -2.11
N ASN B 369 25.99 -12.19 -0.95
CA ASN B 369 25.16 -10.98 -0.82
C ASN B 369 23.97 -11.05 -1.77
N PRO B 370 23.15 -12.06 -1.60
CA PRO B 370 22.09 -12.46 -2.52
C PRO B 370 21.03 -11.39 -2.76
N LEU B 371 20.74 -10.59 -1.74
CA LEU B 371 19.63 -9.64 -1.80
C LEU B 371 20.06 -8.34 -2.47
N GLU B 372 21.35 -8.27 -2.77
CA GLU B 372 21.91 -7.17 -3.53
C GLU B 372 21.61 -7.42 -5.01
N TRP B 373 20.98 -6.43 -5.63
CA TRP B 373 20.67 -6.51 -7.06
C TRP B 373 21.88 -5.98 -7.81
N ASN B 374 22.64 -6.88 -8.43
CA ASN B 374 23.87 -6.48 -9.09
C ASN B 374 24.09 -7.23 -10.40
N PRO B 375 23.73 -6.61 -11.53
CA PRO B 375 23.85 -7.28 -12.81
C PRO B 375 25.29 -7.75 -13.02
N HIS B 376 26.20 -7.06 -12.36
CA HIS B 376 27.64 -7.22 -12.58
C HIS B 376 28.19 -8.49 -11.95
N ARG B 377 27.42 -9.10 -11.05
CA ARG B 377 27.80 -10.38 -10.46
C ARG B 377 27.91 -11.45 -11.53
N TRP B 378 27.29 -11.20 -12.68
CA TRP B 378 27.31 -12.13 -13.80
C TRP B 378 28.53 -11.91 -14.69
N ASP B 379 29.40 -11.00 -14.29
CA ASP B 379 30.68 -10.80 -14.97
C ASP B 379 31.60 -12.00 -14.78
N GLU B 380 31.28 -12.84 -13.79
CA GLU B 380 31.73 -14.23 -13.77
C GLU B 380 31.42 -14.95 -15.08
N ASN B 381 30.13 -15.05 -15.41
CA ASN B 381 29.67 -15.71 -16.63
C ASN B 381 28.29 -15.25 -17.10
N ILE B 382 27.93 -15.57 -18.34
CA ILE B 382 26.60 -15.27 -18.85
C ILE B 382 26.07 -16.21 -19.93
N ALA B 383 24.80 -16.58 -19.80
CA ALA B 383 24.08 -17.39 -20.79
C ALA B 383 22.57 -17.25 -20.66
N ALA B 384 21.92 -16.84 -21.74
CA ALA B 384 20.46 -16.75 -21.79
C ALA B 384 19.85 -18.11 -22.06
N SER B 385 20.75 -19.02 -22.41
CA SER B 385 20.53 -20.45 -22.55
C SER B 385 21.55 -20.88 -21.48
N ALA B 386 21.14 -21.61 -20.45
CA ALA B 386 22.16 -21.90 -19.42
C ALA B 386 22.32 -23.29 -18.81
N GLU B 387 23.57 -23.52 -18.39
CA GLU B 387 24.00 -24.72 -17.68
C GLU B 387 24.63 -25.82 -18.54
N ASP B 388 25.21 -26.80 -17.84
CA ASP B 388 25.79 -27.98 -18.47
C ASP B 388 25.01 -29.25 -18.11
N ASP B 389 23.88 -29.09 -17.47
CA ASP B 389 23.11 -30.23 -17.00
C ASP B 389 22.67 -31.05 -18.19
N GLU B 390 22.42 -32.31 -17.95
CA GLU B 390 22.04 -33.21 -19.04
C GLU B 390 20.69 -32.82 -19.65
N LYS B 391 20.63 -32.98 -20.97
CA LYS B 391 19.43 -32.67 -21.74
C LYS B 391 18.68 -33.93 -22.14
N VAL B 392 17.37 -33.95 -21.92
CA VAL B 392 16.54 -35.05 -22.43
C VAL B 392 15.35 -34.57 -23.24
N ASP B 393 14.83 -35.46 -24.07
CA ASP B 393 13.64 -35.17 -24.87
C ASP B 393 12.39 -35.83 -24.29
N TYR B 394 11.45 -35.00 -23.85
CA TYR B 394 10.19 -35.50 -23.28
C TYR B 394 9.10 -35.53 -24.34
N GLY B 395 9.44 -35.13 -25.56
CA GLY B 395 8.44 -34.96 -26.61
C GLY B 395 8.36 -33.61 -27.32
N TYR B 396 9.02 -32.59 -26.79
CA TYR B 396 9.08 -31.30 -27.48
C TYR B 396 10.52 -30.89 -27.73
N GLY B 397 11.35 -31.89 -27.97
CA GLY B 397 12.77 -31.67 -28.25
C GLY B 397 13.61 -31.75 -26.99
N LEU B 398 14.92 -31.69 -27.21
CA LEU B 398 15.92 -31.79 -26.14
C LEU B 398 15.92 -30.53 -25.27
N VAL B 399 15.82 -30.73 -23.95
CA VAL B 399 15.85 -29.62 -23.01
C VAL B 399 16.52 -30.06 -21.71
N SER B 400 17.06 -29.07 -20.99
CA SER B 400 17.83 -29.32 -19.78
C SER B 400 16.94 -29.77 -18.62
N LYS B 401 17.53 -30.56 -17.73
CA LYS B 401 16.85 -31.09 -16.56
C LYS B 401 17.05 -30.20 -15.33
N GLY B 402 17.98 -29.25 -15.44
CA GLY B 402 18.18 -28.24 -14.42
C GLY B 402 18.57 -28.82 -13.07
N THR B 403 19.23 -29.97 -13.11
CA THR B 403 19.85 -30.52 -11.92
C THR B 403 21.07 -29.65 -11.62
N ASN B 404 21.30 -29.42 -10.33
CA ASN B 404 22.50 -28.78 -9.80
C ASN B 404 22.65 -27.30 -10.09
N SER B 405 21.67 -26.72 -10.77
CA SER B 405 21.75 -25.28 -10.99
C SER B 405 20.83 -24.60 -9.98
N PRO B 406 21.40 -23.70 -9.17
CA PRO B 406 20.57 -23.02 -8.18
C PRO B 406 19.70 -21.94 -8.80
N TYR B 407 20.02 -21.58 -10.05
CA TYR B 407 19.28 -20.55 -10.78
C TYR B 407 18.33 -21.17 -11.79
N LEU B 408 17.06 -21.30 -11.44
CA LEU B 408 16.06 -21.88 -12.32
C LEU B 408 14.76 -21.10 -12.40
N PRO B 409 14.81 -19.89 -12.94
CA PRO B 409 13.61 -19.06 -12.99
C PRO B 409 12.58 -19.61 -13.96
N PHE B 410 13.05 -20.36 -14.96
CA PHE B 410 12.19 -20.88 -16.02
C PHE B 410 11.87 -22.34 -15.80
N GLY B 411 12.10 -22.81 -14.58
CA GLY B 411 11.84 -24.21 -14.22
C GLY B 411 12.86 -25.19 -14.75
N ALA B 412 12.44 -26.45 -14.85
CA ALA B 412 13.32 -27.56 -15.19
C ALA B 412 12.50 -28.82 -15.42
N GLY B 413 13.07 -29.78 -16.13
CA GLY B 413 12.40 -31.06 -16.35
C GLY B 413 11.27 -30.93 -17.36
N ARG B 414 10.26 -31.77 -17.23
CA ARG B 414 9.30 -31.98 -18.31
C ARG B 414 8.36 -30.81 -18.49
N HIS B 415 8.18 -30.03 -17.42
CA HIS B 415 7.24 -28.92 -17.42
C HIS B 415 7.93 -27.57 -17.66
N ARG B 416 9.21 -27.61 -18.01
CA ARG B 416 10.01 -26.38 -18.02
C ARG B 416 9.49 -25.42 -19.08
N CYS B 417 9.84 -24.15 -18.92
CA CYS B 417 9.31 -23.10 -19.79
C CYS B 417 9.82 -23.29 -21.22
N ILE B 418 8.91 -23.23 -22.18
CA ILE B 418 9.28 -23.12 -23.59
C ILE B 418 9.14 -21.71 -24.16
N GLY B 419 8.77 -20.75 -23.30
CA GLY B 419 8.68 -19.35 -23.70
C GLY B 419 9.93 -18.55 -23.40
N GLU B 420 10.95 -19.22 -22.86
CA GLU B 420 12.11 -18.54 -22.28
C GLU B 420 12.80 -17.61 -23.28
N GLN B 421 13.10 -18.15 -24.46
CA GLN B 421 13.79 -17.37 -25.48
C GLN B 421 12.92 -16.23 -26.00
N PHE B 422 11.61 -16.48 -26.13
CA PHE B 422 10.68 -15.40 -26.44
C PHE B 422 10.69 -14.32 -25.35
N ALA B 423 10.72 -14.77 -24.11
CA ALA B 423 10.67 -13.86 -22.97
C ALA B 423 11.90 -12.96 -22.96
N TYR B 424 13.07 -13.56 -23.17
CA TYR B 424 14.31 -12.80 -23.25
C TYR B 424 14.32 -11.80 -24.39
N LEU B 425 13.74 -12.21 -25.52
CA LEU B 425 13.73 -11.37 -26.70
C LEU B 425 12.86 -10.15 -26.40
N GLN B 426 11.68 -10.42 -25.86
CA GLN B 426 10.71 -9.38 -25.52
C GLN B 426 11.23 -8.44 -24.45
N LEU B 427 11.80 -8.99 -23.38
CA LEU B 427 12.31 -8.18 -22.29
C LEU B 427 13.55 -7.38 -22.70
N GLY B 428 14.45 -8.03 -23.42
CA GLY B 428 15.63 -7.38 -23.98
C GLY B 428 15.32 -6.22 -24.90
N THR B 429 14.34 -6.41 -25.78
CA THR B 429 13.98 -5.41 -26.78
C THR B 429 13.28 -4.22 -26.14
N ILE B 430 12.26 -4.48 -25.33
CA ILE B 430 11.61 -3.44 -24.54
C ILE B 430 12.62 -2.64 -23.73
N THR B 431 13.48 -3.35 -23.01
CA THR B 431 14.46 -2.72 -22.13
C THR B 431 15.40 -1.85 -22.97
N ALA B 432 15.94 -2.45 -24.03
CA ALA B 432 16.83 -1.75 -24.93
C ALA B 432 16.21 -0.49 -25.53
N VAL B 433 14.92 -0.55 -25.89
CA VAL B 433 14.26 0.62 -26.45
C VAL B 433 14.10 1.70 -25.38
N LEU B 434 13.66 1.28 -24.20
CA LEU B 434 13.40 2.21 -23.11
C LEU B 434 14.70 2.88 -22.66
N VAL B 435 15.80 2.13 -22.70
CA VAL B 435 17.11 2.67 -22.38
C VAL B 435 17.50 3.79 -23.33
N ARG B 436 17.17 3.61 -24.62
CA ARG B 436 17.45 4.63 -25.61
C ARG B 436 16.67 5.91 -25.36
N LEU B 437 15.41 5.77 -25.10
CA LEU B 437 14.52 6.84 -24.85
C LEU B 437 14.57 7.58 -23.52
N PHE B 438 14.87 6.89 -22.46
CA PHE B 438 14.73 7.44 -21.15
C PHE B 438 15.77 7.34 -20.06
N ARG B 439 15.51 8.13 -19.07
CA ARG B 439 16.18 8.06 -17.82
C ARG B 439 15.06 7.92 -16.81
N PHE B 440 15.19 7.01 -15.89
CA PHE B 440 14.22 6.84 -14.81
C PHE B 440 14.86 7.20 -13.48
N ARG B 441 14.06 7.73 -12.55
CA ARG B 441 14.48 7.90 -11.16
C ARG B 441 13.29 7.64 -10.24
N ASN B 442 13.56 7.35 -8.97
CA ASN B 442 12.50 7.28 -7.96
C ASN B 442 11.86 8.65 -7.77
N LEU B 443 10.63 8.67 -7.30
CA LEU B 443 9.96 9.91 -6.90
C LEU B 443 10.69 10.58 -5.74
N PRO B 444 10.52 11.90 -5.58
CA PRO B 444 11.20 12.64 -4.53
C PRO B 444 11.16 11.95 -3.17
N GLY B 445 12.33 11.77 -2.58
CA GLY B 445 12.46 11.17 -1.26
C GLY B 445 12.09 9.70 -1.18
N VAL B 446 11.96 9.04 -2.32
CA VAL B 446 11.71 7.59 -2.31
C VAL B 446 13.01 6.82 -2.51
N ASP B 447 13.27 5.89 -1.58
CA ASP B 447 14.47 5.08 -1.61
C ASP B 447 14.11 3.61 -1.84
N GLY B 448 14.90 2.95 -2.70
CA GLY B 448 14.73 1.52 -2.94
C GLY B 448 13.51 1.22 -3.78
N ILE B 449 13.12 -0.05 -3.74
CA ILE B 449 12.04 -0.59 -4.57
C ILE B 449 10.80 -0.91 -3.74
N PRO B 450 9.63 -0.95 -4.39
CA PRO B 450 8.43 -1.36 -3.65
C PRO B 450 8.55 -2.76 -3.08
N ASP B 451 7.57 -3.09 -2.24
CA ASP B 451 7.40 -4.44 -1.74
C ASP B 451 6.79 -5.34 -2.80
N THR B 452 6.95 -6.65 -2.59
CA THR B 452 6.42 -7.65 -3.52
C THR B 452 5.05 -8.10 -3.03
N ASP B 453 4.14 -8.19 -3.98
CA ASP B 453 2.84 -8.70 -3.72
C ASP B 453 2.88 -10.16 -4.13
N TYR B 454 2.88 -11.03 -3.16
CA TYR B 454 2.80 -12.46 -3.42
C TYR B 454 1.32 -12.86 -3.37
N SER B 455 0.78 -13.23 -4.53
CA SER B 455 -0.63 -13.58 -4.63
C SER B 455 -0.92 -14.36 -5.91
N SER B 456 -1.81 -15.34 -5.80
CA SER B 456 -2.17 -16.20 -6.92
C SER B 456 -0.93 -16.90 -7.48
N LEU B 457 0.04 -17.12 -6.62
CA LEU B 457 1.34 -17.70 -6.97
C LEU B 457 2.09 -16.91 -8.04
N PHE B 458 1.78 -15.62 -8.15
CA PHE B 458 2.49 -14.78 -9.10
C PHE B 458 3.04 -13.53 -8.44
N SER B 459 4.34 -13.42 -8.28
CA SER B 459 5.00 -12.25 -7.70
C SER B 459 4.82 -11.03 -8.59
N LYS B 460 4.55 -9.88 -7.95
CA LYS B 460 4.50 -8.61 -8.63
C LYS B 460 4.95 -7.47 -7.72
N PRO B 461 5.24 -6.29 -8.29
CA PRO B 461 5.34 -5.15 -7.40
C PRO B 461 4.01 -4.89 -6.69
N LEU B 462 4.11 -4.54 -5.41
CA LEU B 462 2.92 -4.38 -4.59
C LEU B 462 2.39 -2.95 -4.68
N GLY B 463 1.07 -2.84 -4.85
CA GLY B 463 0.44 -1.54 -5.01
C GLY B 463 0.84 -0.83 -6.30
N ARG B 464 0.69 0.49 -6.27
CA ARG B 464 0.86 1.32 -7.46
C ARG B 464 2.11 2.17 -7.30
N SER B 465 3.17 1.81 -8.03
CA SER B 465 4.43 2.51 -7.95
C SER B 465 4.63 3.39 -9.17
N PHE B 466 4.87 4.68 -8.92
CA PHE B 466 5.29 5.59 -9.98
C PHE B 466 6.81 5.71 -9.95
N VAL B 467 7.40 5.98 -11.12
CA VAL B 467 8.76 6.52 -11.15
C VAL B 467 8.76 7.71 -12.10
N GLU B 468 9.77 8.56 -11.99
CA GLU B 468 9.96 9.62 -12.96
C GLU B 468 10.62 9.10 -14.23
N PHE B 469 10.26 9.73 -15.35
CA PHE B 469 10.96 9.53 -16.60
C PHE B 469 11.48 10.89 -17.07
N GLU B 470 12.60 10.85 -17.77
CA GLU B 470 13.11 12.01 -18.48
C GLU B 470 13.57 11.57 -19.87
N LYS B 471 13.17 12.32 -20.88
CA LYS B 471 13.52 11.97 -22.25
C LYS B 471 14.93 12.43 -22.59
N ARG B 472 15.65 11.56 -23.30
CA ARG B 472 17.07 11.74 -23.55
C ARG B 472 17.39 12.86 -24.52
N HIS B 473 16.56 13.01 -25.55
CA HIS B 473 16.73 14.11 -26.49
C HIS B 473 15.42 14.88 -26.69
CHA HEM C . -9.37 16.25 23.18
CHB HEM C . -9.97 15.94 18.37
CHC HEM C . -6.58 19.38 17.77
CHD HEM C . -5.63 19.27 22.52
C1A HEM C . -9.84 15.90 21.92
C2A HEM C . -10.86 14.95 21.70
C3A HEM C . -11.03 14.86 20.36
C4A HEM C . -10.11 15.74 19.74
CMA HEM C . -12.02 13.97 19.66
CAA HEM C . -11.63 14.18 22.73
CBA HEM C . -10.86 12.89 23.08
CGA HEM C . -11.58 12.04 24.10
O1A HEM C . -10.95 11.13 24.69
O2A HEM C . -12.79 12.21 24.35
C1B HEM C . -9.08 16.88 17.85
C2B HEM C . -9.08 17.17 16.45
C3B HEM C . -8.13 18.14 16.26
C4B HEM C . -7.59 18.43 17.61
CMB HEM C . -9.94 16.53 15.39
CAB HEM C . -7.70 18.84 15.04
CBB HEM C . -8.31 18.70 13.86
C1C HEM C . -6.02 19.66 19.01
C2C HEM C . -4.98 20.58 19.25
C3C HEM C . -4.71 20.53 20.60
C4C HEM C . -5.58 19.58 21.18
CMC HEM C . -4.32 21.44 18.20
CAC HEM C . -3.74 21.32 21.39
CBC HEM C . -3.03 22.32 20.87
C1D HEM C . -6.63 18.43 23.04
C2D HEM C . -6.77 18.27 24.49
C3D HEM C . -7.80 17.41 24.68
C4D HEM C . -8.28 17.12 23.33
CMD HEM C . -5.93 18.88 25.58
CAD HEM C . -8.36 16.96 26.00
CBD HEM C . -8.10 15.50 26.40
CGD HEM C . -8.89 15.16 27.64
O1D HEM C . -8.94 13.96 28.02
O2D HEM C . -9.51 16.03 28.28
NA HEM C . -9.34 16.34 20.72
NB HEM C . -8.20 17.64 18.49
NC HEM C . -6.35 19.03 20.18
ND HEM C . -7.56 17.73 22.38
FE HEM C . -7.84 17.62 20.56
CBF LFV D . -5.78 0.06 20.94
CAT LFV D . -5.66 -0.09 22.31
CBC LFV D . -3.60 10.14 22.03
CAI LFV D . -4.44 14.86 24.75
CAP LFV D . -4.82 13.86 23.85
CBJ LFV D . -5.17 2.23 22.61
CBM LFV D . -4.97 3.25 23.40
CAU LFV D . -6.14 -0.54 18.75
CAQ LFV D . -5.05 14.72 19.85
CAH LFV D . -5.56 15.86 19.54
CAR LFV D . -6.76 14.92 20.98
NAY LFV D . -5.21 3.25 24.67
OAA LFV D . -2.79 10.30 21.16
CBG LFV D . -2.65 14.08 22.85
CAK LFV D . -4.59 8.71 23.71
CAM LFV D . -4.81 7.43 24.15
CAL LFV D . -3.38 7.85 21.92
CAN LFV D . -3.67 6.57 22.33
CBH LFV D . -3.83 8.93 22.61
CBK LFV D . -3.89 13.47 22.90
OBA LFV D . -6.02 -1.01 20.10
NAW LFV D . -6.66 16.01 20.25
NAX LFV D . -5.01 4.52 24.94
CBL LFV D . -4.60 5.06 23.83
CBI LFV D . -4.41 6.32 23.46
CBD LFV D . -3.21 15.50 24.74
FAB LFV D . -5.38 0.87 24.73
CAS LFV D . -2.31 15.08 23.77
CBE LFV D . -5.42 0.99 23.17
FAE LFV D . -4.63 -1.55 17.64
FAC LFV D . -5.98 -0.78 16.58
FAD LFV D . -6.31 -2.37 17.60
CAJ LFV D . -5.47 1.32 20.43
CAO LFV D . -5.20 2.39 21.24
CLG LFV D . -1.52 13.57 21.64
CLF LFV D . -2.87 16.69 25.86
CBN LFV D . -4.21 12.50 21.97
CAV LFV D . -5.58 12.83 21.38
NBO LFV D . -5.77 14.14 20.75
NAZ LFV D . -4.36 11.15 22.51
OBB LFV D . -4.77 4.28 23.01
CBP LFV D . -5.74 -1.41 17.60
CHA HEM E . 6.51 -23.09 -17.85
CHB HEM E . 8.60 -19.18 -15.88
CHC HEM E . 7.48 -16.69 -19.92
CHD HEM E . 4.91 -20.45 -21.58
C1A HEM E . 7.20 -22.25 -17.00
C2A HEM E . 7.69 -22.63 -15.74
C3A HEM E . 8.28 -21.54 -15.19
C4A HEM E . 8.14 -20.47 -16.09
CMA HEM E . 8.95 -21.52 -13.84
CAA HEM E . 7.59 -24.01 -15.15
CBA HEM E . 6.41 -24.05 -14.19
CGA HEM E . 6.13 -25.44 -13.68
O1A HEM E . 4.97 -25.77 -13.37
O2A HEM E . 7.05 -26.27 -13.57
C1B HEM E . 8.46 -18.18 -16.87
C2B HEM E . 9.05 -16.90 -16.72
C3B HEM E . 8.75 -16.19 -17.84
C4B HEM E . 7.95 -17.11 -18.68
CMB HEM E . 9.85 -16.43 -15.53
CAB HEM E . 9.13 -14.82 -18.25
CBB HEM E . 10.06 -14.12 -17.61
C1C HEM E . 6.68 -17.47 -20.74
C2C HEM E . 6.16 -17.13 -22.01
C3C HEM E . 5.42 -18.20 -22.47
C4C HEM E . 5.50 -19.20 -21.47
CMC HEM E . 6.39 -15.81 -22.70
CAC HEM E . 4.72 -18.37 -23.75
CBC HEM E . 4.87 -17.53 -24.78
C1D HEM E . 5.21 -21.45 -20.65
C2D HEM E . 4.71 -22.81 -20.89
C3D HEM E . 5.14 -23.56 -19.85
C4D HEM E . 5.92 -22.62 -19.02
CMD HEM E . 3.87 -23.30 -22.04
CAD HEM E . 4.89 -25.04 -19.67
CBD HEM E . 4.13 -25.40 -18.39
CGD HEM E . 4.08 -26.89 -18.20
O1D HEM E . 3.50 -27.37 -17.20
O2D HEM E . 4.59 -27.68 -19.03
NA HEM E . 7.43 -20.90 -17.18
NB HEM E . 7.83 -18.26 -18.04
NC HEM E . 6.25 -18.74 -20.41
ND HEM E . 5.93 -21.38 -19.53
FE HEM E . 6.80 -19.93 -18.79
CBF LFV F . -7.84 -25.59 -6.93
CAT LFV F . -6.71 -25.74 -6.13
CBC LFV F . -0.77 -20.51 -13.99
CAI LFV F . 1.24 -22.38 -18.49
CAP LFV F . 1.43 -21.84 -17.22
CBJ LFV F . -5.36 -24.59 -7.76
CBM LFV F . -4.21 -24.08 -8.21
CAU LFV F . -9.26 -26.82 -5.44
CAQ LFV F . 3.68 -18.26 -16.66
CAH LFV F . 4.67 -18.19 -17.54
CAR LFV F . 4.38 -20.25 -16.99
NAY LFV F . -3.03 -24.08 -7.59
OAA LFV F . -1.48 -19.62 -14.47
CBG LFV F . 0.01 -19.97 -17.81
CAK LFV F . -0.53 -22.25 -12.27
CAM LFV F . -1.05 -22.89 -11.14
CAL LFV F . -2.42 -20.80 -12.29
CAN LFV F . -2.94 -21.44 -11.16
CBH LFV F . -1.22 -21.20 -12.86
CBK LFV F . 0.80 -20.65 -16.88
OBA LFV F . -9.06 -26.08 -6.62
NAW LFV F . 5.11 -19.44 -17.74
NAX LFV F . -2.14 -23.48 -8.39
CBL LFV F . -2.76 -23.10 -9.50
CBI LFV F . -2.24 -22.48 -10.57
CBD LFV F . 0.42 -21.74 -19.41
FAB LFV F . -4.38 -25.41 -5.73
CAS LFV F . -0.19 -20.53 -19.07
CBE LFV F . -5.47 -25.24 -6.54
FAE LFV F . -10.91 -28.11 -4.50
FAC LFV F . -10.95 -27.91 -6.50
FAD LFV F . -11.46 -26.47 -5.37
CAJ LFV F . -7.72 -24.94 -8.14
CAO LFV F . -6.49 -24.43 -8.56
CLG LFV F . -0.76 -18.46 -17.33
CLF LFV F . 0.26 -22.50 -20.95
CBN LFV F . 1.04 -20.11 -15.63
CAV LFV F . 2.55 -20.17 -15.36
NBO LFV F . 3.48 -19.53 -16.32
NAZ LFV F . 0.42 -20.84 -14.50
OBB LFV F . -4.07 -23.47 -9.42
CBP LFV F . -10.72 -27.32 -5.42
#